data_7YVA
#
_entry.id   7YVA
#
_cell.length_a   159.181
_cell.length_b   56.622
_cell.length_c   81.839
_cell.angle_alpha   90.000
_cell.angle_beta   96.330
_cell.angle_gamma   90.000
#
_symmetry.space_group_name_H-M   'C 1 2 1'
#
loop_
_entity.id
_entity.type
_entity.pdbx_description
1 polymer 'Candida albicans Fructose-1,6-bisphosphate aldolase'
2 non-polymer 'ZINC ION'
3 non-polymer 'LIPOIC ACID'
4 non-polymer 1,2-ETHANEDIOL
5 water water
#
_entity_poly.entity_id   1
_entity_poly.type   'polypeptide(L)'
_entity_poly.pdbx_seq_one_letter_code
;MAPPAVLSKSGVIYGKDVKDLFDYAQEKGFAIPAINVTSSSTVVAALEAARDNKAPIILQTSQGGAAYFAGKGVDNKDQA
ASIAGSIAAAHYIRAIAPTYGIPVVLHTDHCAKKLLPWFDGMLKADEEFFAKTGTPLFSSHMLDLSEETDDENIATCAKY
FERMAKMGQWLEMEIGITGGEEDGVNNEHVEKDALYTSPETVFAVYESLHKISPNFSIAAAFGNVHGVYKPGNVQLRPEI
LGDHQVYAKKQIGTDAKHPLYLVFHGGSGSTQEEFNTAIKNGVVKVNLDTDCQYAYLTGIRDYVTNKIEYLKAPVGNPEG
ADKPNKKYFDPRVWVREGEKTMSKRIAEALDIFHTKGQL
;
_entity_poly.pdbx_strand_id   A,B
#
# COMPACT_ATOMS: atom_id res chain seq x y z
N PRO A 3 9.32 27.47 -17.77
CA PRO A 3 9.52 26.03 -17.62
C PRO A 3 10.05 25.61 -16.23
N PRO A 4 9.18 25.62 -15.22
CA PRO A 4 9.67 25.42 -13.85
C PRO A 4 10.27 24.05 -13.66
N ALA A 5 11.00 23.91 -12.54
CA ALA A 5 11.68 22.65 -12.23
C ALA A 5 10.71 21.48 -12.15
N VAL A 6 9.45 21.74 -11.79
CA VAL A 6 8.56 20.66 -11.34
C VAL A 6 8.28 19.70 -12.47
N LEU A 7 8.10 20.21 -13.69
CA LEU A 7 7.79 19.33 -14.79
C LEU A 7 8.91 18.38 -15.16
N SER A 8 10.07 18.49 -14.51
CA SER A 8 11.19 17.62 -14.77
C SER A 8 11.46 16.65 -13.64
N LYS A 9 10.90 16.91 -12.45
CA LYS A 9 11.10 16.12 -11.25
C LYS A 9 10.22 14.86 -11.27
N SER A 10 10.42 14.01 -10.28
CA SER A 10 9.91 12.64 -10.34
C SER A 10 9.68 12.13 -8.92
N GLY A 11 8.40 12.05 -8.51
CA GLY A 11 8.03 11.69 -7.16
C GLY A 11 7.13 12.74 -6.54
N VAL A 12 6.90 12.60 -5.23
CA VAL A 12 6.18 13.62 -4.47
C VAL A 12 7.01 14.90 -4.37
N ILE A 13 6.33 16.05 -4.46
CA ILE A 13 6.94 17.38 -4.50
C ILE A 13 6.33 18.24 -3.40
N TYR A 14 7.14 19.15 -2.88
CA TYR A 14 6.77 19.92 -1.69
C TYR A 14 7.02 21.40 -1.96
N GLY A 15 6.67 22.23 -0.97
CA GLY A 15 7.10 23.61 -0.96
C GLY A 15 6.82 24.32 -2.27
N LYS A 16 7.79 25.14 -2.69
CA LYS A 16 7.62 26.01 -3.83
C LYS A 16 7.35 25.25 -5.13
N ASP A 17 7.68 23.94 -5.20
CA ASP A 17 7.42 23.19 -6.44
C ASP A 17 5.94 22.95 -6.66
N VAL A 18 5.13 22.94 -5.58
CA VAL A 18 3.69 22.82 -5.74
C VAL A 18 3.13 24.04 -6.47
N LYS A 19 3.36 25.23 -5.90
CA LYS A 19 2.88 26.46 -6.50
C LYS A 19 3.31 26.57 -7.96
N ASP A 20 4.54 26.17 -8.26
CA ASP A 20 5.04 26.31 -9.63
C ASP A 20 4.26 25.39 -10.58
N LEU A 21 4.04 24.14 -10.15
CA LEU A 21 3.17 23.23 -10.88
C LEU A 21 1.78 23.83 -11.08
N PHE A 22 1.29 24.58 -10.08
CA PHE A 22 -0.03 25.18 -10.23
C PHE A 22 0.03 26.46 -11.05
N ASP A 23 1.09 27.25 -10.92
CA ASP A 23 1.14 28.45 -11.73
C ASP A 23 1.25 28.09 -13.20
N TYR A 24 2.11 27.11 -13.54
CA TYR A 24 2.15 26.60 -14.91
C TYR A 24 0.76 26.13 -15.33
N ALA A 25 0.02 25.55 -14.38
CA ALA A 25 -1.34 25.07 -14.65
C ALA A 25 -2.17 26.12 -15.36
N GLN A 26 -2.22 27.32 -14.78
CA GLN A 26 -3.00 28.40 -15.35
C GLN A 26 -2.31 29.04 -16.54
N GLU A 27 -0.98 28.96 -16.61
CA GLU A 27 -0.28 29.63 -17.69
C GLU A 27 -0.47 28.88 -19.00
N LYS A 28 -0.42 27.56 -18.93
CA LYS A 28 -0.68 26.71 -20.09
C LYS A 28 -2.09 26.13 -20.06
N GLY A 29 -2.99 26.73 -19.26
CA GLY A 29 -4.42 26.45 -19.26
C GLY A 29 -4.84 24.99 -19.27
N PHE A 30 -4.49 24.24 -18.24
CA PHE A 30 -5.05 22.92 -18.04
C PHE A 30 -5.43 22.81 -16.57
N ALA A 31 -5.75 21.59 -16.14
CA ALA A 31 -5.99 21.30 -14.73
C ALA A 31 -5.53 19.87 -14.48
N ILE A 32 -5.29 19.56 -13.21
CA ILE A 32 -4.67 18.30 -12.80
C ILE A 32 -5.71 17.46 -12.08
N PRO A 33 -5.89 16.20 -12.46
CA PRO A 33 -6.82 15.34 -11.72
C PRO A 33 -6.36 15.10 -10.30
N ALA A 34 -7.32 15.08 -9.38
CA ALA A 34 -7.09 14.78 -7.98
C ALA A 34 -7.79 13.46 -7.71
N ILE A 35 -6.99 12.39 -7.61
CA ILE A 35 -7.52 11.03 -7.55
C ILE A 35 -7.50 10.59 -6.10
N ASN A 36 -8.66 10.15 -5.60
CA ASN A 36 -8.78 9.64 -4.23
C ASN A 36 -8.35 8.18 -4.19
N VAL A 37 -7.32 7.89 -3.45
CA VAL A 37 -6.77 6.56 -3.38
C VAL A 37 -7.16 5.91 -2.04
N THR A 38 -7.12 4.56 -2.02
CA THR A 38 -7.51 3.76 -0.88
C THR A 38 -6.57 2.58 -0.65
N SER A 39 -5.60 2.37 -1.52
CA SER A 39 -4.83 1.14 -1.48
C SER A 39 -3.55 1.37 -2.25
N SER A 40 -2.57 0.49 -2.05
CA SER A 40 -1.40 0.52 -2.91
C SER A 40 -1.81 0.39 -4.40
N SER A 41 -2.81 -0.47 -4.68
CA SER A 41 -3.22 -0.75 -6.05
C SER A 41 -4.00 0.40 -6.68
N THR A 42 -4.76 1.17 -5.89
CA THR A 42 -5.35 2.36 -6.50
C THR A 42 -4.31 3.43 -6.76
N VAL A 43 -3.31 3.60 -5.88
CA VAL A 43 -2.32 4.63 -6.21
C VAL A 43 -1.51 4.18 -7.42
N VAL A 44 -1.32 2.87 -7.60
CA VAL A 44 -0.59 2.41 -8.78
C VAL A 44 -1.30 2.87 -10.05
N ALA A 45 -2.63 2.75 -10.10
CA ALA A 45 -3.34 2.96 -11.36
C ALA A 45 -3.32 4.42 -11.80
N ALA A 46 -3.41 5.35 -10.84
CA ALA A 46 -3.29 6.77 -11.18
C ALA A 46 -1.86 7.13 -11.54
N LEU A 47 -0.88 6.66 -10.73
CA LEU A 47 0.54 6.91 -11.02
C LEU A 47 0.92 6.50 -12.45
N GLU A 48 0.40 5.37 -12.93
CA GLU A 48 0.77 4.86 -14.24
C GLU A 48 -0.12 5.40 -15.36
N ALA A 49 -1.41 5.63 -15.09
CA ALA A 49 -2.20 6.48 -15.98
C ALA A 49 -1.49 7.82 -16.21
N ALA A 50 -1.03 8.43 -15.13
CA ALA A 50 -0.37 9.72 -15.25
C ALA A 50 0.94 9.61 -16.01
N ARG A 51 1.75 8.59 -15.72
CA ARG A 51 3.04 8.45 -16.41
C ARG A 51 2.84 8.20 -17.91
N ASP A 52 1.86 7.35 -18.25
CA ASP A 52 1.61 6.95 -19.64
C ASP A 52 1.18 8.13 -20.51
N ASN A 53 0.33 9.00 -19.97
CA ASN A 53 0.03 10.26 -20.63
C ASN A 53 0.97 11.38 -20.19
N LYS A 54 2.14 11.03 -19.66
CA LYS A 54 3.23 11.94 -19.32
C LYS A 54 2.67 13.26 -18.79
N ALA A 55 2.04 13.14 -17.61
CA ALA A 55 1.25 14.19 -16.99
C ALA A 55 1.58 14.24 -15.50
N PRO A 56 1.33 15.36 -14.84
CA PRO A 56 1.38 15.39 -13.37
C PRO A 56 0.08 14.88 -12.81
N ILE A 57 0.09 14.55 -11.51
CA ILE A 57 -1.01 13.83 -10.91
C ILE A 57 -1.12 14.22 -9.44
N ILE A 58 -2.32 14.03 -8.89
CA ILE A 58 -2.60 14.35 -7.50
C ILE A 58 -3.30 13.13 -6.91
N LEU A 59 -2.60 12.41 -6.04
CA LEU A 59 -3.23 11.42 -5.20
C LEU A 59 -3.67 12.10 -3.91
N GLN A 60 -4.87 11.75 -3.45
CA GLN A 60 -5.41 12.35 -2.24
C GLN A 60 -6.10 11.26 -1.42
N THR A 61 -6.24 11.56 -0.14
CA THR A 61 -6.70 10.62 0.86
C THR A 61 -7.86 11.30 1.57
N SER A 62 -9.06 10.76 1.41
CA SER A 62 -10.15 11.28 2.19
C SER A 62 -10.09 10.71 3.61
N GLN A 63 -10.88 11.28 4.52
CA GLN A 63 -10.91 10.77 5.88
C GLN A 63 -11.19 9.28 5.91
N GLY A 64 -12.21 8.84 5.16
CA GLY A 64 -12.54 7.43 5.12
C GLY A 64 -11.57 6.63 4.29
N GLY A 65 -11.11 7.20 3.18
CA GLY A 65 -10.06 6.55 2.44
C GLY A 65 -8.79 6.36 3.26
N ALA A 66 -8.50 7.30 4.17
CA ALA A 66 -7.30 7.18 5.00
C ALA A 66 -7.43 5.95 5.88
N ALA A 67 -8.54 5.83 6.58
CA ALA A 67 -8.71 4.71 7.48
C ALA A 67 -8.63 3.38 6.73
N TYR A 68 -9.06 3.35 5.46
CA TYR A 68 -8.99 2.10 4.71
C TYR A 68 -7.55 1.66 4.55
N PHE A 69 -6.67 2.58 4.18
CA PHE A 69 -5.23 2.31 4.17
C PHE A 69 -4.77 1.68 5.49
N ALA A 70 -5.35 2.13 6.60
CA ALA A 70 -5.10 1.46 7.87
C ALA A 70 -5.85 0.13 7.98
N GLY A 71 -7.09 0.07 7.47
CA GLY A 71 -7.96 -1.09 7.64
C GLY A 71 -9.29 -0.76 8.30
N LYS A 72 -10.40 -1.19 7.69
CA LYS A 72 -11.70 -0.91 8.30
C LYS A 72 -11.84 -1.58 9.65
N GLY A 73 -10.94 -2.50 10.01
CA GLY A 73 -10.97 -3.15 11.30
C GLY A 73 -10.18 -2.48 12.39
N VAL A 74 -9.53 -1.36 12.11
CA VAL A 74 -8.83 -0.58 13.12
C VAL A 74 -9.79 0.48 13.66
N ASP A 75 -9.95 0.54 14.97
CA ASP A 75 -10.89 1.46 15.59
C ASP A 75 -10.59 2.89 15.20
N ASN A 76 -11.63 3.58 14.71
CA ASN A 76 -11.48 4.93 14.17
C ASN A 76 -12.35 5.96 14.88
N LYS A 77 -12.83 5.67 16.09
CA LYS A 77 -13.64 6.66 16.81
C LYS A 77 -12.83 7.92 17.13
N ASP A 78 -11.53 7.76 17.36
CA ASP A 78 -10.62 8.82 17.75
C ASP A 78 -9.76 9.28 16.59
N GLN A 79 -10.22 9.07 15.35
CA GLN A 79 -9.47 9.32 14.12
C GLN A 79 -8.18 8.50 14.04
N ALA A 80 -8.02 7.49 14.90
CA ALA A 80 -6.75 6.75 14.96
C ALA A 80 -6.39 6.10 13.64
N ALA A 81 -7.37 5.53 12.93
CA ALA A 81 -7.08 4.84 11.67
C ALA A 81 -6.77 5.82 10.54
N SER A 82 -7.54 6.91 10.44
CA SER A 82 -7.27 7.84 9.35
C SER A 82 -5.94 8.53 9.55
N ILE A 83 -5.53 8.73 10.80
CA ILE A 83 -4.21 9.30 11.01
C ILE A 83 -3.16 8.30 10.59
N ALA A 84 -3.26 7.08 11.12
CA ALA A 84 -2.22 6.07 10.89
C ALA A 84 -2.14 5.71 9.41
N GLY A 85 -3.28 5.39 8.79
CA GLY A 85 -3.26 4.87 7.43
C GLY A 85 -2.95 5.93 6.39
N SER A 86 -3.38 7.18 6.66
CA SER A 86 -2.94 8.32 5.86
C SER A 86 -1.42 8.51 5.95
N ILE A 87 -0.84 8.35 7.13
CA ILE A 87 0.61 8.38 7.22
C ILE A 87 1.22 7.21 6.46
N ALA A 88 0.60 6.03 6.55
CA ALA A 88 1.13 4.88 5.85
C ALA A 88 1.06 5.08 4.35
N ALA A 89 -0.06 5.67 3.89
CA ALA A 89 -0.19 5.95 2.46
C ALA A 89 0.90 6.93 2.00
N ALA A 90 1.19 7.93 2.83
CA ALA A 90 2.23 8.91 2.50
C ALA A 90 3.55 8.22 2.28
N HIS A 91 4.07 7.54 3.32
CA HIS A 91 5.31 6.78 3.15
C HIS A 91 5.28 5.88 1.92
N TYR A 92 4.19 5.13 1.72
CA TYR A 92 4.16 4.24 0.56
C TYR A 92 4.19 5.02 -0.75
N ILE A 93 3.27 5.97 -0.92
CA ILE A 93 3.26 6.80 -2.13
C ILE A 93 4.62 7.44 -2.37
N ARG A 94 5.16 8.11 -1.35
CA ARG A 94 6.50 8.69 -1.48
C ARG A 94 7.52 7.65 -1.94
N ALA A 95 7.49 6.46 -1.33
CA ALA A 95 8.47 5.45 -1.68
C ALA A 95 8.32 4.98 -3.12
N ILE A 96 7.10 4.91 -3.65
CA ILE A 96 6.90 4.36 -4.98
C ILE A 96 6.93 5.42 -6.05
N ALA A 97 6.32 6.61 -5.82
CA ALA A 97 6.08 7.56 -6.90
C ALA A 97 7.30 7.88 -7.75
N PRO A 98 8.52 8.05 -7.21
CA PRO A 98 9.64 8.39 -8.10
C PRO A 98 9.83 7.39 -9.22
N THR A 99 9.58 6.10 -8.95
CA THR A 99 9.75 5.06 -9.95
C THR A 99 8.90 5.33 -11.20
N TYR A 100 7.76 6.00 -11.04
CA TYR A 100 6.89 6.35 -12.17
C TYR A 100 7.30 7.64 -12.87
N GLY A 101 8.26 8.39 -12.31
CA GLY A 101 8.95 9.40 -13.11
C GLY A 101 8.20 10.69 -13.37
N ILE A 102 7.22 11.04 -12.54
CA ILE A 102 6.41 12.25 -12.73
C ILE A 102 6.26 12.94 -11.39
N PRO A 103 5.94 14.24 -11.39
CA PRO A 103 5.69 14.96 -10.12
C PRO A 103 4.29 14.66 -9.59
N VAL A 104 4.23 14.24 -8.33
CA VAL A 104 2.99 13.85 -7.64
C VAL A 104 2.75 14.83 -6.51
N VAL A 105 1.49 15.26 -6.36
CA VAL A 105 1.08 16.09 -5.24
C VAL A 105 0.30 15.20 -4.29
N LEU A 106 0.90 14.93 -3.14
CA LEU A 106 0.28 14.14 -2.08
C LEU A 106 -0.58 15.06 -1.24
N HIS A 107 -1.88 14.80 -1.21
CA HIS A 107 -2.85 15.72 -0.66
C HIS A 107 -3.84 14.92 0.18
N THR A 108 -4.49 15.56 1.15
CA THR A 108 -5.54 14.91 1.92
C THR A 108 -6.85 15.65 1.64
N ASP A 109 -7.93 14.88 1.45
CA ASP A 109 -9.21 15.40 0.98
C ASP A 109 -10.04 16.00 2.11
N HIS A 110 -11.35 16.16 1.89
CA HIS A 110 -12.29 16.80 2.81
C HIS A 110 -12.03 16.41 4.26
N CYS A 111 -11.93 17.45 5.11
CA CYS A 111 -11.78 17.29 6.57
C CYS A 111 -12.60 18.42 7.20
N ALA A 112 -13.86 18.11 7.54
CA ALA A 112 -14.78 19.03 8.19
C ALA A 112 -14.41 19.26 9.66
N LYS A 113 -15.15 20.16 10.33
CA LYS A 113 -14.81 20.56 11.69
C LYS A 113 -14.74 19.37 12.66
N LYS A 114 -15.65 18.38 12.52
CA LYS A 114 -15.69 17.26 13.46
C LYS A 114 -14.58 16.24 13.25
N LEU A 115 -13.86 16.30 12.12
CA LEU A 115 -12.71 15.45 11.84
C LEU A 115 -11.36 16.14 12.05
N LEU A 116 -11.31 17.33 12.68
CA LEU A 116 -10.02 18.00 12.83
C LEU A 116 -9.00 17.20 13.67
N PRO A 117 -9.40 16.36 14.65
CA PRO A 117 -8.46 15.38 15.22
C PRO A 117 -7.60 14.63 14.21
N TRP A 118 -8.18 14.24 13.05
CA TRP A 118 -7.40 13.63 11.96
C TRP A 118 -6.44 14.64 11.37
N PHE A 119 -6.94 15.83 11.06
CA PHE A 119 -6.08 16.91 10.58
C PHE A 119 -4.92 17.17 11.54
N ASP A 120 -5.24 17.29 12.83
CA ASP A 120 -4.24 17.49 13.87
C ASP A 120 -3.17 16.39 13.86
N GLY A 121 -3.58 15.14 13.72
CA GLY A 121 -2.64 14.04 13.66
C GLY A 121 -1.65 14.15 12.51
N MET A 122 -2.19 14.23 11.28
CA MET A 122 -1.35 14.53 10.11
C MET A 122 -0.46 15.77 10.33
N LEU A 123 -0.96 16.80 11.01
CA LEU A 123 -0.14 18.00 11.17
C LEU A 123 1.04 17.76 12.09
N LYS A 124 0.84 17.04 13.22
CA LYS A 124 2.01 16.65 14.00
C LYS A 124 2.96 15.77 13.19
N ALA A 125 2.42 14.74 12.52
CA ALA A 125 3.21 13.89 11.63
C ALA A 125 4.09 14.74 10.70
N ASP A 126 3.48 15.76 10.10
CA ASP A 126 4.19 16.64 9.18
C ASP A 126 5.35 17.32 9.87
N GLU A 127 5.09 17.92 11.02
CA GLU A 127 6.10 18.76 11.66
C GLU A 127 7.33 17.95 12.04
N GLU A 128 7.10 16.79 12.65
CA GLU A 128 8.16 15.82 12.84
C GLU A 128 8.92 15.56 11.54
N PHE A 129 8.21 15.16 10.48
CA PHE A 129 8.91 14.86 9.23
C PHE A 129 9.68 16.07 8.75
N PHE A 130 9.09 17.26 8.90
CA PHE A 130 9.74 18.48 8.49
C PHE A 130 11.01 18.73 9.30
N ALA A 131 10.98 18.39 10.58
CA ALA A 131 12.11 18.66 11.45
C ALA A 131 13.30 17.74 11.19
N LYS A 132 13.11 16.60 10.51
CA LYS A 132 14.22 15.75 10.10
C LYS A 132 14.60 15.87 8.63
N THR A 133 13.62 16.03 7.74
CA THR A 133 13.88 15.93 6.31
C THR A 133 13.98 17.26 5.59
N GLY A 134 13.24 18.29 6.00
CA GLY A 134 13.14 19.53 5.25
C GLY A 134 11.83 19.69 4.50
N THR A 135 11.07 18.61 4.33
CA THR A 135 9.72 18.66 3.79
C THR A 135 8.75 18.15 4.84
N PRO A 136 7.48 18.57 4.76
CA PRO A 136 6.45 17.87 5.55
C PRO A 136 6.23 16.45 5.03
N LEU A 137 5.32 15.72 5.65
CA LEU A 137 4.99 14.41 5.10
C LEU A 137 4.09 14.54 3.88
N PHE A 138 2.96 15.24 4.03
CA PHE A 138 2.03 15.45 2.93
C PHE A 138 2.33 16.75 2.19
N SER A 139 2.10 16.74 0.88
CA SER A 139 2.32 17.94 0.09
C SER A 139 1.26 18.98 0.38
N SER A 140 0.05 18.55 0.69
CA SER A 140 -1.06 19.48 0.78
C SER A 140 -2.10 18.86 1.68
N HIS A 141 -2.99 19.70 2.20
CA HIS A 141 -4.03 19.31 3.14
C HIS A 141 -5.26 20.15 2.83
N MET A 142 -6.45 19.64 3.16
CA MET A 142 -7.66 20.40 2.92
C MET A 142 -8.48 20.52 4.19
N LEU A 143 -9.07 21.69 4.37
CA LEU A 143 -10.11 21.92 5.37
C LEU A 143 -11.40 22.13 4.61
N ASP A 144 -12.44 21.40 4.98
CA ASP A 144 -13.77 21.67 4.48
C ASP A 144 -14.63 22.12 5.66
N LEU A 145 -14.44 23.37 6.08
CA LEU A 145 -15.26 23.95 7.15
C LEU A 145 -16.38 24.80 6.59
N SER A 146 -16.80 24.52 5.36
CA SER A 146 -17.89 25.25 4.71
C SER A 146 -19.23 25.13 5.42
N GLU A 147 -19.40 24.20 6.35
CA GLU A 147 -20.65 24.15 7.11
C GLU A 147 -20.64 25.11 8.30
N GLU A 148 -19.53 25.80 8.52
CA GLU A 148 -19.46 26.80 9.58
C GLU A 148 -19.68 28.17 8.97
N THR A 149 -19.95 29.14 9.83
CA THR A 149 -19.95 30.51 9.35
C THR A 149 -18.59 30.83 8.75
N ASP A 150 -18.57 31.81 7.84
CA ASP A 150 -17.36 32.05 7.08
C ASP A 150 -16.28 32.67 7.94
N ASP A 151 -16.68 33.57 8.84
CA ASP A 151 -15.78 34.10 9.86
C ASP A 151 -15.03 32.97 10.55
N GLU A 152 -15.76 32.03 11.15
CA GLU A 152 -15.14 30.90 11.86
C GLU A 152 -14.33 30.02 10.91
N ASN A 153 -14.99 29.51 9.86
CA ASN A 153 -14.33 28.75 8.79
C ASN A 153 -12.99 29.36 8.44
N ILE A 154 -12.96 30.66 8.11
CA ILE A 154 -11.72 31.28 7.67
C ILE A 154 -10.74 31.43 8.82
N ALA A 155 -11.23 31.86 9.99
CA ALA A 155 -10.36 32.13 11.13
C ALA A 155 -9.50 30.93 11.48
N THR A 156 -10.06 29.71 11.44
CA THR A 156 -9.28 28.54 11.83
C THR A 156 -8.60 27.88 10.64
N CYS A 157 -8.98 28.24 9.42
CA CYS A 157 -8.10 28.03 8.28
C CYS A 157 -6.78 28.72 8.54
N ALA A 158 -6.85 30.05 8.75
CA ALA A 158 -5.70 30.88 9.09
C ALA A 158 -4.90 30.29 10.24
N LYS A 159 -5.58 29.93 11.35
CA LYS A 159 -4.92 29.29 12.47
C LYS A 159 -4.09 28.09 12.00
N TYR A 160 -4.72 27.14 11.32
CA TYR A 160 -3.96 25.99 10.86
C TYR A 160 -2.94 26.41 9.81
N PHE A 161 -3.32 27.33 8.93
CA PHE A 161 -2.47 27.71 7.80
C PHE A 161 -1.16 28.29 8.30
N GLU A 162 -1.22 29.07 9.38
CA GLU A 162 -0.02 29.62 10.00
C GLU A 162 0.96 28.53 10.38
N ARG A 163 0.45 27.42 10.92
CA ARG A 163 1.33 26.33 11.31
C ARG A 163 1.85 25.55 10.10
N MET A 164 1.04 25.48 9.03
CA MET A 164 1.51 24.82 7.80
C MET A 164 2.48 25.67 7.01
N ALA A 165 2.38 27.01 7.10
CA ALA A 165 3.25 27.86 6.29
C ALA A 165 4.69 27.74 6.74
N LYS A 166 4.92 27.48 8.02
CA LYS A 166 6.29 27.28 8.47
C LYS A 166 6.93 26.07 7.79
N MET A 167 6.10 25.14 7.33
CA MET A 167 6.58 23.98 6.59
C MET A 167 6.40 24.15 5.09
N GLY A 168 6.06 25.37 4.66
CA GLY A 168 5.84 25.68 3.26
C GLY A 168 4.84 24.75 2.60
N GLN A 169 3.82 24.34 3.35
CA GLN A 169 2.87 23.35 2.90
C GLN A 169 1.64 24.01 2.28
N TRP A 170 0.99 23.28 1.37
CA TRP A 170 -0.19 23.76 0.68
C TRP A 170 -1.45 23.40 1.46
N LEU A 171 -2.31 24.39 1.68
CA LEU A 171 -3.64 24.21 2.24
C LEU A 171 -4.68 24.46 1.17
N GLU A 172 -5.63 23.55 1.03
CA GLU A 172 -6.81 23.75 0.21
C GLU A 172 -8.01 24.02 1.12
N MET A 173 -8.84 24.95 0.71
CA MET A 173 -9.88 25.51 1.56
C MET A 173 -11.20 25.43 0.81
N GLU A 174 -12.22 24.84 1.41
CA GLU A 174 -13.54 24.88 0.80
C GLU A 174 -14.40 25.94 1.49
N ILE A 175 -14.98 26.82 0.69
CA ILE A 175 -15.97 27.77 1.17
C ILE A 175 -17.29 27.44 0.48
N GLY A 176 -18.39 27.83 1.12
CA GLY A 176 -19.69 27.48 0.60
C GLY A 176 -20.69 28.63 0.59
N ILE A 177 -21.82 28.45 1.27
CA ILE A 177 -22.90 29.44 1.27
C ILE A 177 -23.51 29.60 2.67
N THR A 178 -22.70 29.45 3.72
CA THR A 178 -23.13 29.84 5.07
C THR A 178 -22.91 31.35 5.27
N GLY A 179 -22.23 31.75 6.34
CA GLY A 179 -22.04 33.16 6.65
C GLY A 179 -22.71 33.61 7.94
N GLY A 180 -23.90 33.07 8.25
CA GLY A 180 -24.66 33.45 9.43
C GLY A 180 -25.93 32.62 9.68
N LEU A 195 -28.40 29.56 -4.36
CA LEU A 195 -27.47 30.49 -3.71
C LEU A 195 -26.03 29.99 -3.88
N TYR A 196 -25.17 30.81 -4.49
CA TYR A 196 -23.78 30.46 -4.74
C TYR A 196 -22.89 31.24 -3.79
N THR A 197 -21.58 31.04 -3.93
CA THR A 197 -20.61 31.78 -3.13
C THR A 197 -20.32 33.09 -3.84
N SER A 198 -20.62 34.21 -3.19
CA SER A 198 -20.33 35.49 -3.79
C SER A 198 -18.83 35.66 -3.95
N PRO A 199 -18.36 36.32 -5.03
CA PRO A 199 -16.93 36.63 -5.13
C PRO A 199 -16.42 37.31 -3.87
N GLU A 200 -17.33 38.00 -3.17
CA GLU A 200 -16.97 38.70 -1.94
C GLU A 200 -16.55 37.73 -0.85
N THR A 201 -17.33 36.65 -0.66
CA THR A 201 -16.91 35.60 0.27
C THR A 201 -15.54 35.07 -0.12
N VAL A 202 -15.30 34.83 -1.41
CA VAL A 202 -14.05 34.22 -1.85
C VAL A 202 -12.88 35.16 -1.67
N PHE A 203 -13.07 36.46 -1.93
CA PHE A 203 -11.96 37.38 -1.71
C PHE A 203 -11.64 37.53 -0.23
N ALA A 204 -12.66 37.49 0.63
CA ALA A 204 -12.42 37.50 2.06
C ALA A 204 -11.47 36.36 2.45
N VAL A 205 -11.69 35.17 1.89
CA VAL A 205 -10.76 34.06 2.09
C VAL A 205 -9.34 34.46 1.73
N TYR A 206 -9.20 35.16 0.59
CA TYR A 206 -7.86 35.45 0.08
C TYR A 206 -7.11 36.40 1.00
N GLU A 207 -7.75 37.48 1.42
CA GLU A 207 -7.01 38.44 2.21
C GLU A 207 -6.79 37.98 3.66
N SER A 208 -7.35 36.85 4.06
CA SER A 208 -6.98 36.30 5.35
C SER A 208 -5.75 35.41 5.25
N LEU A 209 -5.73 34.48 4.28
CA LEU A 209 -4.65 33.53 4.10
C LEU A 209 -3.46 34.10 3.33
N HIS A 210 -3.69 35.07 2.43
CA HIS A 210 -2.61 35.63 1.65
C HIS A 210 -1.66 36.44 2.50
N LYS A 211 -2.07 36.86 3.70
CA LYS A 211 -1.13 37.50 4.60
C LYS A 211 -0.31 36.48 5.38
N ILE A 212 -0.44 35.19 5.07
CA ILE A 212 0.29 34.13 5.76
C ILE A 212 1.21 33.37 4.81
N SER A 213 0.74 33.11 3.58
CA SER A 213 1.49 32.44 2.52
C SER A 213 0.62 32.38 1.28
N PRO A 214 1.21 32.41 0.08
CA PRO A 214 0.41 32.24 -1.13
C PRO A 214 0.03 30.79 -1.38
N ASN A 215 0.43 29.89 -0.50
CA ASN A 215 0.33 28.47 -0.79
C ASN A 215 -1.06 27.86 -0.59
N PHE A 216 -2.11 28.53 -1.08
CA PHE A 216 -3.47 28.11 -0.74
C PHE A 216 -4.39 28.19 -1.95
N SER A 217 -5.27 27.19 -2.04
CA SER A 217 -6.26 27.06 -3.11
C SER A 217 -7.65 27.01 -2.50
N ILE A 218 -8.63 27.53 -3.24
CA ILE A 218 -9.99 27.71 -2.78
C ILE A 218 -10.91 26.86 -3.64
N ALA A 219 -11.76 26.08 -2.99
CA ALA A 219 -12.89 25.38 -3.60
C ALA A 219 -14.16 26.12 -3.17
N ALA A 220 -14.80 26.82 -4.10
CA ALA A 220 -15.99 27.61 -3.82
C ALA A 220 -17.25 26.90 -4.28
N ALA A 221 -18.40 27.34 -3.75
CA ALA A 221 -19.70 26.82 -4.15
C ALA A 221 -20.12 27.49 -5.45
N PHE A 222 -20.38 26.70 -6.49
CA PHE A 222 -20.78 27.27 -7.77
C PHE A 222 -21.70 26.30 -8.50
N GLY A 223 -22.59 25.64 -7.76
CA GLY A 223 -23.48 24.67 -8.36
C GLY A 223 -22.89 23.29 -8.49
N ASN A 224 -21.71 23.05 -7.90
CA ASN A 224 -21.04 21.76 -7.94
C ASN A 224 -21.53 20.97 -6.74
N VAL A 225 -22.65 20.27 -6.93
CA VAL A 225 -23.32 19.59 -5.85
C VAL A 225 -22.56 18.33 -5.44
N HIS A 226 -22.44 18.13 -4.12
CA HIS A 226 -21.72 17.02 -3.48
C HIS A 226 -21.67 17.24 -1.97
N VAL A 234 -30.53 25.54 -10.74
CA VAL A 234 -29.93 24.95 -9.54
C VAL A 234 -28.51 24.42 -9.86
N GLN A 235 -28.19 24.34 -11.15
CA GLN A 235 -27.07 23.56 -11.66
C GLN A 235 -25.83 24.46 -11.84
N LEU A 236 -24.92 24.03 -12.72
CA LEU A 236 -23.53 24.48 -12.68
C LEU A 236 -23.38 25.85 -13.34
N ARG A 237 -22.79 26.80 -12.60
CA ARG A 237 -22.44 28.13 -13.12
C ARG A 237 -20.95 28.35 -12.93
N PRO A 238 -20.13 27.61 -13.66
CA PRO A 238 -18.67 27.76 -13.50
C PRO A 238 -18.16 29.14 -13.88
N GLU A 239 -18.95 29.92 -14.62
CA GLU A 239 -18.60 31.31 -14.88
C GLU A 239 -18.52 32.13 -13.60
N ILE A 240 -19.21 31.69 -12.54
CA ILE A 240 -19.08 32.37 -11.25
C ILE A 240 -17.64 32.34 -10.79
N LEU A 241 -16.91 31.28 -11.13
CA LEU A 241 -15.50 31.23 -10.77
C LEU A 241 -14.72 32.36 -11.44
N GLY A 242 -15.06 32.68 -12.69
CA GLY A 242 -14.40 33.82 -13.34
C GLY A 242 -14.69 35.11 -12.63
N ASP A 243 -15.94 35.31 -12.20
CA ASP A 243 -16.28 36.50 -11.45
C ASP A 243 -15.51 36.57 -10.14
N HIS A 244 -15.33 35.43 -9.47
CA HIS A 244 -14.42 35.36 -8.32
C HIS A 244 -13.06 35.92 -8.66
N GLN A 245 -12.50 35.49 -9.79
CA GLN A 245 -11.14 35.92 -10.13
C GLN A 245 -11.12 37.40 -10.49
N VAL A 246 -12.08 37.87 -11.30
CA VAL A 246 -12.08 39.28 -11.69
C VAL A 246 -12.24 40.18 -10.47
N TYR A 247 -13.19 39.86 -9.59
CA TYR A 247 -13.31 40.63 -8.35
C TYR A 247 -11.97 40.69 -7.62
N ALA A 248 -11.33 39.54 -7.42
CA ALA A 248 -10.01 39.52 -6.80
C ALA A 248 -9.00 40.36 -7.60
N LYS A 249 -9.06 40.27 -8.92
CA LYS A 249 -8.18 41.07 -9.78
C LYS A 249 -8.33 42.55 -9.48
N LYS A 250 -9.58 43.03 -9.46
CA LYS A 250 -9.86 44.42 -9.12
C LYS A 250 -9.21 44.79 -7.79
N GLN A 251 -9.58 44.09 -6.71
CA GLN A 251 -9.19 44.54 -5.38
C GLN A 251 -7.69 44.43 -5.18
N ILE A 252 -7.06 43.41 -5.77
CA ILE A 252 -5.62 43.27 -5.59
C ILE A 252 -4.90 44.37 -6.33
N GLY A 253 -5.52 44.90 -7.39
CA GLY A 253 -4.94 45.93 -8.20
C GLY A 253 -3.85 45.44 -9.11
N THR A 254 -3.76 44.13 -9.34
CA THR A 254 -2.78 43.53 -10.23
C THR A 254 -3.35 43.44 -11.66
N ASP A 255 -2.47 43.21 -12.63
CA ASP A 255 -2.96 42.79 -13.93
C ASP A 255 -2.88 41.27 -14.06
N ALA A 256 -3.33 40.56 -13.03
CA ALA A 256 -3.22 39.11 -12.98
C ALA A 256 -4.54 38.50 -13.44
N LYS A 257 -4.49 37.82 -14.58
CA LYS A 257 -5.63 37.08 -15.12
C LYS A 257 -6.25 36.11 -14.12
N HIS A 258 -5.44 35.48 -13.26
CA HIS A 258 -5.89 34.41 -12.35
C HIS A 258 -5.38 34.65 -10.94
N PRO A 259 -5.87 35.67 -10.25
CA PRO A 259 -5.31 36.01 -8.93
C PRO A 259 -5.55 34.96 -7.84
N LEU A 260 -6.42 33.96 -8.06
CA LEU A 260 -6.67 32.91 -7.09
C LEU A 260 -6.33 31.55 -7.69
N TYR A 261 -6.09 30.58 -6.80
CA TYR A 261 -5.92 29.17 -7.17
C TYR A 261 -7.22 28.43 -6.88
N LEU A 262 -7.88 27.94 -7.92
CA LEU A 262 -9.23 27.43 -7.79
C LEU A 262 -9.29 25.91 -7.91
N VAL A 263 -10.28 25.33 -7.24
CA VAL A 263 -10.46 23.88 -7.19
C VAL A 263 -11.91 23.55 -7.52
N PHE A 264 -12.09 22.51 -8.32
CA PHE A 264 -13.38 22.03 -8.81
C PHE A 264 -13.74 20.74 -8.08
N HIS A 265 -14.68 20.82 -7.14
CA HIS A 265 -15.20 19.63 -6.50
C HIS A 265 -16.44 19.14 -7.25
N GLY A 266 -16.76 17.87 -7.07
CA GLY A 266 -17.93 17.31 -7.73
C GLY A 266 -17.85 17.34 -9.24
N GLY A 267 -16.66 17.04 -9.79
CA GLY A 267 -16.48 16.91 -11.22
C GLY A 267 -16.92 15.53 -11.66
N SER A 268 -18.14 15.47 -12.22
CA SER A 268 -18.73 14.23 -12.70
C SER A 268 -19.94 14.59 -13.53
N GLY A 269 -19.96 14.08 -14.76
CA GLY A 269 -20.98 14.49 -15.71
C GLY A 269 -20.84 15.90 -16.23
N SER A 270 -19.91 16.69 -15.69
CA SER A 270 -19.62 17.99 -16.26
C SER A 270 -19.16 17.84 -17.69
N THR A 271 -19.88 18.46 -18.63
CA THR A 271 -19.44 18.35 -20.01
C THR A 271 -18.16 19.16 -20.22
N GLN A 272 -17.56 18.95 -21.39
CA GLN A 272 -16.31 19.64 -21.67
C GLN A 272 -16.50 21.15 -21.63
N GLU A 273 -17.69 21.62 -22.04
CA GLU A 273 -18.08 23.02 -21.89
C GLU A 273 -17.84 23.52 -20.47
N GLU A 274 -18.20 22.71 -19.48
CA GLU A 274 -18.10 23.16 -18.10
C GLU A 274 -16.67 23.02 -17.57
N PHE A 275 -15.96 21.96 -17.98
CA PHE A 275 -14.56 21.86 -17.60
C PHE A 275 -13.75 23.00 -18.18
N ASN A 276 -14.03 23.38 -19.42
CA ASN A 276 -13.17 24.32 -20.11
C ASN A 276 -13.30 25.73 -19.57
N THR A 277 -14.52 26.23 -19.36
CA THR A 277 -14.62 27.54 -18.74
C THR A 277 -14.16 27.55 -17.29
N ALA A 278 -14.11 26.39 -16.64
CA ALA A 278 -13.57 26.35 -15.28
C ALA A 278 -12.04 26.46 -15.32
N ILE A 279 -11.40 25.69 -16.20
CA ILE A 279 -9.95 25.80 -16.36
C ILE A 279 -9.56 27.22 -16.75
N LYS A 280 -10.28 27.78 -17.76
CA LYS A 280 -10.10 29.17 -18.17
C LYS A 280 -10.30 30.13 -17.00
N ASN A 281 -11.16 29.77 -16.05
CA ASN A 281 -11.34 30.60 -14.87
C ASN A 281 -10.34 30.27 -13.76
N GLY A 282 -9.29 29.48 -14.04
CA GLY A 282 -8.17 29.33 -13.12
C GLY A 282 -8.18 28.10 -12.23
N VAL A 283 -9.12 27.17 -12.46
CA VAL A 283 -9.09 25.91 -11.75
C VAL A 283 -7.80 25.17 -12.13
N VAL A 284 -7.09 24.68 -11.12
CA VAL A 284 -5.90 23.86 -11.33
C VAL A 284 -6.12 22.41 -10.91
N LYS A 285 -7.21 22.09 -10.22
CA LYS A 285 -7.39 20.80 -9.59
C LYS A 285 -8.85 20.43 -9.73
N VAL A 286 -9.12 19.26 -10.32
CA VAL A 286 -10.48 18.75 -10.44
C VAL A 286 -10.50 17.40 -9.77
N ASN A 287 -11.29 17.27 -8.69
CA ASN A 287 -11.39 16.01 -7.98
C ASN A 287 -12.25 15.03 -8.79
N LEU A 288 -11.98 13.74 -8.63
CA LEU A 288 -12.67 12.71 -9.38
C LEU A 288 -13.39 11.73 -8.46
N ASP A 289 -12.64 10.95 -7.66
CA ASP A 289 -13.17 9.90 -6.81
C ASP A 289 -14.24 9.00 -7.45
N THR A 290 -15.53 9.33 -7.29
CA THR A 290 -16.60 8.36 -7.60
C THR A 290 -16.45 7.72 -8.97
N ASP A 291 -16.08 8.51 -9.99
CA ASP A 291 -15.88 7.92 -11.33
C ASP A 291 -14.85 6.80 -11.30
N CYS A 292 -13.69 7.06 -10.69
CA CYS A 292 -12.64 6.05 -10.59
C CYS A 292 -13.13 4.82 -9.85
N GLN A 293 -13.98 5.02 -8.85
CA GLN A 293 -14.49 3.92 -8.07
C GLN A 293 -15.12 2.88 -9.00
N TYR A 294 -15.91 3.36 -9.98
CA TYR A 294 -16.57 2.46 -10.92
C TYR A 294 -15.59 1.92 -11.94
N ALA A 295 -14.68 2.76 -12.42
CA ALA A 295 -13.64 2.29 -13.33
C ALA A 295 -12.92 1.09 -12.74
N TYR A 296 -12.47 1.24 -11.48
CA TYR A 296 -11.74 0.18 -10.79
C TYR A 296 -12.53 -1.12 -10.72
N LEU A 297 -13.82 -1.05 -10.34
CA LEU A 297 -14.64 -2.25 -10.25
C LEU A 297 -14.70 -2.99 -11.59
N THR A 298 -15.07 -2.27 -12.66
CA THR A 298 -15.53 -2.93 -13.89
C THR A 298 -14.56 -4.00 -14.37
N GLY A 299 -13.25 -3.75 -14.28
CA GLY A 299 -12.29 -4.78 -14.64
C GLY A 299 -12.38 -6.00 -13.74
N ILE A 300 -12.44 -5.77 -12.42
CA ILE A 300 -12.72 -6.86 -11.51
C ILE A 300 -14.09 -7.44 -11.79
N ARG A 301 -15.12 -6.58 -11.86
CA ARG A 301 -16.46 -7.06 -12.22
C ARG A 301 -16.42 -7.91 -13.46
N ASP A 302 -15.69 -7.47 -14.48
CA ASP A 302 -15.46 -8.28 -15.66
C ASP A 302 -14.43 -9.39 -15.41
N TYR A 303 -14.45 -9.98 -14.21
CA TYR A 303 -13.95 -11.32 -14.01
C TYR A 303 -15.08 -12.28 -13.66
N VAL A 304 -16.33 -11.79 -13.73
CA VAL A 304 -17.54 -12.62 -13.81
C VAL A 304 -17.68 -13.31 -15.16
N THR A 305 -16.82 -12.98 -16.12
CA THR A 305 -16.69 -13.83 -17.31
C THR A 305 -16.03 -15.17 -16.97
N ASN A 306 -15.10 -15.17 -16.01
CA ASN A 306 -14.46 -16.37 -15.47
C ASN A 306 -15.26 -17.01 -14.34
N LYS A 307 -16.51 -16.57 -14.14
CA LYS A 307 -17.57 -17.22 -13.36
C LYS A 307 -17.21 -18.65 -12.93
N ILE A 308 -16.99 -19.53 -13.91
CA ILE A 308 -16.77 -20.96 -13.68
C ILE A 308 -15.31 -21.31 -13.36
N GLU A 309 -14.35 -20.50 -13.80
CA GLU A 309 -12.93 -20.75 -13.51
C GLU A 309 -12.50 -20.09 -12.20
N TYR A 310 -13.39 -20.02 -11.21
CA TYR A 310 -13.11 -19.30 -9.98
C TYR A 310 -13.88 -19.90 -8.81
N LEU A 311 -13.71 -21.19 -8.55
CA LEU A 311 -14.18 -21.73 -7.28
C LEU A 311 -13.34 -22.94 -6.87
N LYS A 312 -12.01 -22.75 -6.86
CA LYS A 312 -10.97 -23.64 -6.32
C LYS A 312 -10.26 -24.49 -7.38
N ALA A 313 -10.81 -25.69 -7.65
CA ALA A 313 -10.36 -26.63 -8.66
C ALA A 313 -11.32 -26.88 -9.84
N PRO A 314 -12.63 -26.61 -9.73
CA PRO A 314 -13.50 -26.89 -10.89
C PRO A 314 -13.28 -25.93 -12.05
N VAL A 315 -13.14 -26.51 -13.25
CA VAL A 315 -13.04 -25.75 -14.49
C VAL A 315 -13.90 -26.45 -15.53
N GLY A 316 -14.95 -25.76 -15.98
CA GLY A 316 -15.76 -26.28 -17.08
C GLY A 316 -15.01 -26.42 -18.40
N ASN A 317 -14.01 -25.56 -18.61
CA ASN A 317 -12.90 -25.74 -19.56
C ASN A 317 -12.03 -26.92 -19.12
N PRO A 318 -11.42 -27.69 -20.09
CA PRO A 318 -10.45 -28.75 -19.76
C PRO A 318 -10.04 -28.97 -18.31
N GLU A 319 -10.33 -30.16 -17.77
CA GLU A 319 -10.30 -30.58 -16.36
C GLU A 319 -11.56 -30.14 -15.60
N GLY A 320 -12.64 -30.91 -15.71
CA GLY A 320 -13.94 -30.48 -15.22
C GLY A 320 -14.06 -30.33 -13.72
N ALA A 321 -13.21 -31.02 -12.97
CA ALA A 321 -13.09 -30.73 -11.54
C ALA A 321 -11.67 -31.00 -11.04
N ASP A 322 -10.68 -31.07 -11.94
CA ASP A 322 -9.31 -31.37 -11.56
C ASP A 322 -8.32 -30.35 -12.14
N LYS A 323 -8.74 -29.10 -12.34
CA LYS A 323 -7.79 -28.06 -12.77
C LYS A 323 -7.32 -27.22 -11.59
N PRO A 324 -6.06 -26.77 -11.57
CA PRO A 324 -5.65 -25.67 -10.69
C PRO A 324 -6.08 -24.30 -11.19
N ASN A 325 -7.08 -23.71 -10.53
CA ASN A 325 -7.43 -22.33 -10.87
C ASN A 325 -6.46 -21.35 -10.34
N LYS A 326 -5.23 -21.75 -9.97
CA LYS A 326 -4.28 -20.81 -9.39
C LYS A 326 -4.11 -19.61 -10.32
N LYS A 327 -3.76 -19.89 -11.57
CA LYS A 327 -3.55 -18.85 -12.57
C LYS A 327 -4.76 -17.93 -12.69
N TYR A 328 -5.97 -18.48 -12.58
CA TYR A 328 -7.17 -17.66 -12.71
C TYR A 328 -7.59 -16.97 -11.42
N PHE A 329 -7.10 -17.42 -10.26
CA PHE A 329 -7.52 -16.78 -9.02
C PHE A 329 -6.45 -15.91 -8.38
N ASP A 330 -5.25 -15.88 -8.92
CA ASP A 330 -4.19 -15.13 -8.27
C ASP A 330 -4.50 -13.63 -8.35
N PRO A 331 -4.58 -12.92 -7.21
CA PRO A 331 -5.04 -11.52 -7.25
C PRO A 331 -4.19 -10.61 -8.12
N ARG A 332 -2.93 -10.93 -8.39
CA ARG A 332 -2.17 -10.20 -9.39
C ARG A 332 -2.74 -10.32 -10.80
N VAL A 333 -3.69 -11.20 -11.10
CA VAL A 333 -4.30 -11.20 -12.42
C VAL A 333 -5.62 -10.45 -12.43
N TRP A 334 -6.45 -10.62 -11.40
CA TRP A 334 -7.73 -9.94 -11.46
C TRP A 334 -7.71 -8.53 -10.85
N VAL A 335 -6.87 -8.25 -9.85
CA VAL A 335 -6.83 -6.87 -9.37
C VAL A 335 -6.26 -5.97 -10.46
N ARG A 336 -5.24 -6.45 -11.18
CA ARG A 336 -4.68 -5.65 -12.26
C ARG A 336 -5.74 -5.28 -13.28
N GLU A 337 -6.74 -6.12 -13.48
CA GLU A 337 -7.87 -5.72 -14.33
C GLU A 337 -8.62 -4.53 -13.75
N GLY A 338 -8.54 -4.33 -12.43
CA GLY A 338 -9.08 -3.11 -11.85
C GLY A 338 -8.18 -1.92 -12.09
N GLU A 339 -6.89 -2.06 -11.76
CA GLU A 339 -5.92 -1.02 -12.06
C GLU A 339 -6.03 -0.61 -13.53
N LYS A 340 -6.17 -1.59 -14.41
CA LYS A 340 -6.14 -1.29 -15.84
C LYS A 340 -7.29 -0.39 -16.22
N THR A 341 -8.49 -0.67 -15.66
CA THR A 341 -9.68 0.10 -16.03
C THR A 341 -9.68 1.49 -15.40
N MET A 342 -9.23 1.61 -14.14
CA MET A 342 -9.26 2.88 -13.43
C MET A 342 -8.38 3.90 -14.13
N SER A 343 -7.15 3.50 -14.45
CA SER A 343 -6.20 4.33 -15.18
C SER A 343 -6.81 4.90 -16.45
N LYS A 344 -7.48 4.07 -17.25
CA LYS A 344 -8.09 4.53 -18.49
C LYS A 344 -9.16 5.58 -18.24
N ARG A 345 -9.95 5.40 -17.19
CA ARG A 345 -10.84 6.49 -16.80
C ARG A 345 -10.01 7.73 -16.49
N ILE A 346 -8.89 7.56 -15.78
CA ILE A 346 -8.07 8.72 -15.43
C ILE A 346 -7.47 9.34 -16.67
N ALA A 347 -7.07 8.53 -17.65
CA ALA A 347 -6.51 9.08 -18.89
C ALA A 347 -7.52 9.94 -19.63
N GLU A 348 -8.78 9.50 -19.67
CA GLU A 348 -9.85 10.31 -20.25
C GLU A 348 -9.89 11.70 -19.61
N ALA A 349 -10.04 11.74 -18.28
CA ALA A 349 -10.01 13.03 -17.61
C ALA A 349 -8.67 13.73 -17.84
N LEU A 350 -7.58 12.96 -17.86
CA LEU A 350 -6.26 13.53 -18.10
C LEU A 350 -6.23 14.24 -19.44
N ASP A 351 -6.80 13.62 -20.46
CA ASP A 351 -6.96 14.29 -21.73
C ASP A 351 -8.00 15.39 -21.64
N ILE A 352 -9.19 15.09 -21.11
CA ILE A 352 -10.26 16.08 -21.08
C ILE A 352 -9.82 17.34 -20.34
N PHE A 353 -8.99 17.18 -19.30
CA PHE A 353 -8.48 18.32 -18.56
C PHE A 353 -7.33 19.02 -19.25
N HIS A 354 -6.83 18.46 -20.36
CA HIS A 354 -5.72 19.04 -21.11
C HIS A 354 -4.40 18.91 -20.35
N THR A 355 -4.30 17.98 -19.42
CA THR A 355 -3.05 17.77 -18.73
C THR A 355 -2.19 16.68 -19.36
N LYS A 356 -2.76 15.85 -20.22
CA LYS A 356 -2.00 14.84 -20.94
C LYS A 356 -0.90 15.49 -21.77
N GLY A 357 0.34 15.01 -21.57
CA GLY A 357 1.48 15.44 -22.34
C GLY A 357 2.08 16.77 -21.94
N GLN A 358 1.91 17.18 -20.69
CA GLN A 358 2.32 18.51 -20.28
C GLN A 358 3.77 18.60 -19.78
N LEU A 359 4.43 17.48 -19.44
CA LEU A 359 5.83 17.56 -19.01
C LEU A 359 6.86 17.56 -20.13
N PRO B 3 9.20 -15.31 29.13
CA PRO B 3 8.38 -14.26 28.49
C PRO B 3 9.23 -13.22 27.80
N PRO B 4 9.76 -13.55 26.62
CA PRO B 4 10.62 -12.59 25.91
C PRO B 4 9.90 -11.28 25.62
N ALA B 5 10.68 -10.20 25.65
CA ALA B 5 10.10 -8.87 25.47
C ALA B 5 9.35 -8.76 24.15
N VAL B 6 9.80 -9.52 23.13
CA VAL B 6 9.26 -9.41 21.78
C VAL B 6 7.78 -9.81 21.74
N LEU B 7 7.34 -10.74 22.59
CA LEU B 7 5.92 -11.09 22.61
C LEU B 7 5.04 -9.91 22.95
N SER B 8 5.58 -8.89 23.60
CA SER B 8 4.80 -7.73 24.00
C SER B 8 5.03 -6.54 23.09
N LYS B 9 5.77 -6.75 22.00
CA LYS B 9 6.11 -5.70 21.07
C LYS B 9 5.01 -5.56 20.03
N SER B 10 5.18 -4.58 19.14
CA SER B 10 4.09 -4.08 18.32
C SER B 10 4.69 -3.33 17.14
N GLY B 11 4.66 -3.93 15.97
CA GLY B 11 5.31 -3.37 14.81
C GLY B 11 6.35 -4.32 14.24
N VAL B 12 6.94 -3.92 13.11
CA VAL B 12 7.96 -4.75 12.50
C VAL B 12 9.14 -4.86 13.44
N ILE B 13 9.51 -6.10 13.78
CA ILE B 13 10.61 -6.35 14.70
C ILE B 13 11.89 -6.59 13.90
N TYR B 14 13.04 -6.25 14.50
CA TYR B 14 14.33 -6.54 13.87
C TYR B 14 15.25 -7.25 14.87
N GLY B 15 16.50 -7.45 14.43
CA GLY B 15 17.55 -7.91 15.31
C GLY B 15 17.22 -9.23 15.94
N LYS B 16 17.63 -9.40 17.22
CA LYS B 16 17.48 -10.68 17.90
C LYS B 16 16.10 -10.88 18.50
N ASP B 17 15.28 -9.82 18.57
CA ASP B 17 13.82 -9.92 18.71
C ASP B 17 13.28 -11.01 17.77
N VAL B 18 13.83 -11.07 16.55
CA VAL B 18 13.46 -12.11 15.61
C VAL B 18 13.88 -13.48 16.13
N LYS B 19 15.18 -13.64 16.42
CA LYS B 19 15.67 -14.85 17.08
C LYS B 19 14.84 -15.18 18.31
N ASP B 20 14.51 -14.17 19.11
CA ASP B 20 13.69 -14.39 20.29
C ASP B 20 12.33 -14.99 19.92
N LEU B 21 11.63 -14.36 18.98
CA LEU B 21 10.40 -14.94 18.48
C LEU B 21 10.58 -16.42 18.12
N PHE B 22 11.64 -16.73 17.39
CA PHE B 22 11.82 -18.08 16.89
C PHE B 22 12.19 -19.04 18.02
N ASP B 23 13.12 -18.66 18.88
CA ASP B 23 13.40 -19.49 20.04
C ASP B 23 12.15 -19.72 20.87
N TYR B 24 11.32 -18.68 21.01
CA TYR B 24 10.03 -18.87 21.68
C TYR B 24 9.17 -19.86 20.92
N ALA B 25 9.01 -19.65 19.61
CA ALA B 25 8.18 -20.56 18.82
C ALA B 25 8.70 -21.98 18.92
N GLN B 26 10.03 -22.15 18.87
CA GLN B 26 10.59 -23.47 19.06
C GLN B 26 10.38 -23.98 20.48
N GLU B 27 10.44 -23.11 21.51
CA GLU B 27 10.35 -23.63 22.87
C GLU B 27 8.92 -24.06 23.20
N LYS B 28 7.92 -23.29 22.79
CA LYS B 28 6.53 -23.60 23.12
C LYS B 28 5.83 -24.40 22.02
N GLY B 29 6.56 -24.80 20.98
CA GLY B 29 6.03 -25.74 20.02
C GLY B 29 4.91 -25.20 19.17
N PHE B 30 5.15 -24.08 18.50
CA PHE B 30 4.23 -23.55 17.50
C PHE B 30 5.07 -22.99 16.36
N ALA B 31 4.43 -22.78 15.23
CA ALA B 31 5.08 -22.16 14.10
C ALA B 31 4.24 -20.98 13.67
N ILE B 32 4.89 -20.04 13.02
CA ILE B 32 4.25 -18.78 12.61
C ILE B 32 3.99 -18.84 11.11
N PRO B 33 2.79 -18.47 10.64
CA PRO B 33 2.54 -18.52 9.20
C PRO B 33 3.23 -17.36 8.52
N ALA B 34 3.92 -17.65 7.41
CA ALA B 34 4.46 -16.60 6.55
C ALA B 34 3.50 -16.42 5.38
N ILE B 35 2.95 -15.23 5.24
CA ILE B 35 1.86 -14.97 4.31
C ILE B 35 2.30 -13.95 3.31
N ASN B 36 2.24 -14.33 2.02
CA ASN B 36 2.66 -13.47 0.93
C ASN B 36 1.68 -12.34 0.74
N VAL B 37 2.21 -11.14 0.54
CA VAL B 37 1.41 -9.95 0.39
C VAL B 37 1.77 -9.30 -0.94
N THR B 38 0.80 -8.55 -1.46
CA THR B 38 0.94 -7.95 -2.77
C THR B 38 0.32 -6.57 -2.84
N SER B 39 -0.18 -6.04 -1.71
CA SER B 39 -0.80 -4.73 -1.67
C SER B 39 -0.98 -4.29 -0.22
N SER B 40 -1.40 -3.04 -0.05
CA SER B 40 -1.82 -2.58 1.26
C SER B 40 -3.04 -3.35 1.72
N SER B 41 -3.95 -3.65 0.80
CA SER B 41 -5.15 -4.41 1.14
C SER B 41 -4.81 -5.79 1.66
N THR B 42 -3.82 -6.46 1.05
CA THR B 42 -3.52 -7.81 1.52
C THR B 42 -2.77 -7.78 2.84
N VAL B 43 -1.83 -6.84 3.00
CA VAL B 43 -1.13 -6.68 4.29
C VAL B 43 -2.13 -6.43 5.41
N VAL B 44 -3.13 -5.61 5.17
CA VAL B 44 -4.13 -5.39 6.21
C VAL B 44 -4.79 -6.69 6.61
N ALA B 45 -5.06 -7.56 5.62
CA ALA B 45 -5.82 -8.76 5.92
C ALA B 45 -5.07 -9.69 6.88
N ALA B 46 -3.74 -9.68 6.83
CA ALA B 46 -2.92 -10.58 7.63
C ALA B 46 -2.58 -9.97 8.98
N LEU B 47 -2.27 -8.65 9.02
CA LEU B 47 -2.13 -7.94 10.31
C LEU B 47 -3.39 -8.07 11.14
N GLU B 48 -4.55 -7.92 10.52
CA GLU B 48 -5.82 -8.06 11.22
C GLU B 48 -6.01 -9.49 11.74
N ALA B 49 -5.77 -10.48 10.89
CA ALA B 49 -5.88 -11.85 11.35
C ALA B 49 -4.99 -12.10 12.55
N ALA B 50 -3.80 -11.46 12.60
CA ALA B 50 -2.86 -11.74 13.67
C ALA B 50 -3.25 -10.99 14.94
N ARG B 51 -3.57 -9.70 14.81
CA ARG B 51 -4.00 -8.95 15.99
C ARG B 51 -5.21 -9.60 16.63
N ASP B 52 -6.10 -10.14 15.82
CA ASP B 52 -7.34 -10.68 16.34
C ASP B 52 -7.12 -11.99 17.06
N ASN B 53 -6.32 -12.88 16.50
CA ASN B 53 -6.04 -14.18 17.09
C ASN B 53 -4.82 -14.16 17.98
N LYS B 54 -4.43 -12.97 18.44
CA LYS B 54 -3.32 -12.75 19.38
C LYS B 54 -2.08 -13.53 18.98
N ALA B 55 -1.62 -13.26 17.75
CA ALA B 55 -0.53 -14.04 17.20
C ALA B 55 0.54 -13.15 16.59
N PRO B 56 1.81 -13.54 16.67
CA PRO B 56 2.83 -12.97 15.77
C PRO B 56 2.59 -13.47 14.36
N ILE B 57 3.26 -12.81 13.42
CA ILE B 57 3.00 -13.06 12.00
C ILE B 57 4.21 -12.61 11.22
N ILE B 58 4.45 -13.30 10.09
CA ILE B 58 5.50 -12.96 9.14
C ILE B 58 4.83 -12.59 7.82
N LEU B 59 5.06 -11.36 7.37
CA LEU B 59 4.61 -10.91 6.06
C LEU B 59 5.80 -10.98 5.12
N GLN B 60 5.58 -11.51 3.93
CA GLN B 60 6.70 -11.64 3.02
C GLN B 60 6.31 -11.23 1.61
N THR B 61 7.30 -10.73 0.87
CA THR B 61 7.13 -10.30 -0.51
C THR B 61 7.92 -11.23 -1.43
N SER B 62 7.24 -11.81 -2.40
CA SER B 62 7.94 -12.59 -3.41
C SER B 62 8.38 -11.66 -4.53
N GLN B 63 9.44 -12.05 -5.25
CA GLN B 63 9.94 -11.19 -6.31
C GLN B 63 8.80 -10.70 -7.20
N GLY B 64 7.83 -11.59 -7.47
CA GLY B 64 6.64 -11.16 -8.17
C GLY B 64 5.75 -10.28 -7.31
N GLY B 65 5.55 -10.65 -6.04
CA GLY B 65 4.75 -9.81 -5.17
C GLY B 65 5.39 -8.45 -4.95
N ALA B 66 6.72 -8.41 -4.84
CA ALA B 66 7.43 -7.14 -4.80
C ALA B 66 7.07 -6.29 -6.01
N ALA B 67 7.30 -6.84 -7.21
CA ALA B 67 6.98 -6.18 -8.46
C ALA B 67 5.55 -5.69 -8.49
N TYR B 68 4.62 -6.47 -7.95
CA TYR B 68 3.24 -6.02 -7.93
C TYR B 68 3.09 -4.76 -7.09
N PHE B 69 3.80 -4.69 -5.97
CA PHE B 69 3.74 -3.50 -5.12
C PHE B 69 4.24 -2.27 -5.84
N ALA B 70 5.13 -2.46 -6.80
CA ALA B 70 5.56 -1.38 -7.69
C ALA B 70 4.53 -1.09 -8.78
N GLY B 71 3.72 -2.10 -9.15
CA GLY B 71 2.74 -1.96 -10.21
C GLY B 71 3.13 -2.74 -11.47
N LYS B 72 2.23 -3.61 -11.95
CA LYS B 72 2.60 -4.53 -13.03
C LYS B 72 3.13 -3.81 -14.29
N GLY B 73 2.82 -2.52 -14.46
CA GLY B 73 3.29 -1.74 -15.59
C GLY B 73 4.63 -1.04 -15.41
N VAL B 74 5.31 -1.27 -14.29
CA VAL B 74 6.69 -0.85 -14.12
C VAL B 74 7.55 -1.95 -14.69
N ASP B 75 8.32 -1.61 -15.72
CA ASP B 75 9.22 -2.60 -16.34
C ASP B 75 10.24 -3.08 -15.33
N ASN B 76 10.41 -4.40 -15.28
CA ASN B 76 11.16 -5.10 -14.24
C ASN B 76 12.33 -5.85 -14.87
N LYS B 77 12.90 -5.26 -15.93
CA LYS B 77 13.87 -5.97 -16.78
C LYS B 77 15.19 -6.19 -16.06
N ASP B 78 15.62 -5.20 -15.28
CA ASP B 78 16.85 -5.27 -14.49
C ASP B 78 16.53 -5.42 -13.01
N GLN B 79 15.40 -6.05 -12.72
CA GLN B 79 14.85 -6.25 -11.39
C GLN B 79 14.36 -4.96 -10.77
N ALA B 80 14.05 -3.95 -11.60
CA ALA B 80 13.76 -2.60 -11.15
C ALA B 80 12.40 -2.49 -10.44
N ALA B 81 11.39 -3.23 -10.90
CA ALA B 81 10.09 -3.12 -10.26
C ALA B 81 10.10 -3.77 -8.88
N SER B 82 10.67 -4.97 -8.77
CA SER B 82 10.67 -5.68 -7.49
C SER B 82 11.48 -4.96 -6.44
N ILE B 83 12.44 -4.12 -6.84
CA ILE B 83 13.17 -3.33 -5.85
C ILE B 83 12.32 -2.17 -5.33
N ALA B 84 11.75 -1.37 -6.24
CA ALA B 84 10.82 -0.35 -5.80
C ALA B 84 9.73 -0.95 -4.91
N GLY B 85 9.08 -2.01 -5.40
CA GLY B 85 7.88 -2.51 -4.77
C GLY B 85 8.11 -3.07 -3.39
N SER B 86 9.17 -3.87 -3.22
CA SER B 86 9.58 -4.34 -1.90
C SER B 86 9.98 -3.18 -0.98
N ILE B 87 10.56 -2.11 -1.54
CA ILE B 87 10.91 -0.94 -0.74
C ILE B 87 9.65 -0.22 -0.23
N ALA B 88 8.73 0.12 -1.14
CA ALA B 88 7.52 0.85 -0.73
C ALA B 88 6.66 0.00 0.20
N ALA B 89 6.61 -1.32 -0.04
CA ALA B 89 5.97 -2.22 0.90
C ALA B 89 6.78 -2.35 2.18
N ALA B 90 8.11 -2.14 2.13
CA ALA B 90 8.85 -2.09 3.40
C ALA B 90 8.36 -0.92 4.24
N HIS B 91 8.20 0.24 3.62
CA HIS B 91 7.79 1.40 4.39
C HIS B 91 6.33 1.26 4.80
N TYR B 92 5.46 0.81 3.88
CA TYR B 92 4.04 0.75 4.21
C TYR B 92 3.80 -0.17 5.41
N ILE B 93 4.33 -1.39 5.34
CA ILE B 93 4.17 -2.34 6.44
C ILE B 93 4.76 -1.78 7.74
N ARG B 94 5.98 -1.21 7.67
CA ARG B 94 6.61 -0.59 8.84
C ARG B 94 5.74 0.53 9.42
N ALA B 95 5.05 1.28 8.55
CA ALA B 95 4.25 2.41 9.02
C ALA B 95 2.93 1.96 9.64
N ILE B 96 2.33 0.89 9.11
CA ILE B 96 1.01 0.48 9.56
C ILE B 96 1.05 -0.63 10.62
N ALA B 97 2.11 -1.45 10.64
CA ALA B 97 2.15 -2.58 11.56
C ALA B 97 2.02 -2.23 13.03
N PRO B 98 2.64 -1.17 13.57
CA PRO B 98 2.46 -0.88 15.00
C PRO B 98 1.00 -0.73 15.42
N THR B 99 0.13 -0.29 14.51
CA THR B 99 -1.28 -0.09 14.82
C THR B 99 -1.95 -1.39 15.21
N TYR B 100 -1.52 -2.51 14.60
CA TYR B 100 -2.10 -3.82 14.87
C TYR B 100 -1.55 -4.45 16.14
N GLY B 101 -0.45 -3.93 16.67
CA GLY B 101 -0.08 -4.27 18.03
C GLY B 101 0.45 -5.68 18.20
N ILE B 102 1.08 -6.23 17.18
CA ILE B 102 1.67 -7.57 17.24
C ILE B 102 3.06 -7.44 16.64
N PRO B 103 4.04 -8.24 17.08
CA PRO B 103 5.33 -8.28 16.38
C PRO B 103 5.19 -8.87 14.97
N VAL B 104 5.75 -8.16 13.99
CA VAL B 104 5.75 -8.57 12.58
C VAL B 104 7.19 -8.71 12.13
N VAL B 105 7.50 -9.81 11.47
CA VAL B 105 8.79 -9.94 10.80
C VAL B 105 8.54 -9.68 9.31
N LEU B 106 9.30 -8.73 8.76
CA LEU B 106 9.22 -8.35 7.37
C LEU B 106 10.30 -9.13 6.63
N HIS B 107 9.88 -10.05 5.78
CA HIS B 107 10.79 -11.02 5.20
C HIS B 107 10.54 -11.04 3.70
N THR B 108 11.50 -11.57 2.93
CA THR B 108 11.28 -11.67 1.50
C THR B 108 11.47 -13.12 1.03
N ASP B 109 10.70 -13.45 0.00
CA ASP B 109 10.52 -14.81 -0.51
C ASP B 109 11.57 -15.12 -1.60
N HIS B 110 11.22 -16.00 -2.53
CA HIS B 110 12.23 -16.72 -3.29
C HIS B 110 13.10 -15.80 -4.13
N CYS B 111 14.39 -15.80 -3.82
CA CYS B 111 15.39 -15.09 -4.62
C CYS B 111 16.41 -16.12 -5.08
N ALA B 112 16.35 -16.50 -6.34
CA ALA B 112 17.30 -17.46 -6.88
C ALA B 112 18.45 -16.72 -7.55
N LYS B 113 19.31 -17.47 -8.27
CA LYS B 113 20.52 -16.88 -8.85
C LYS B 113 20.16 -15.79 -9.84
N LYS B 114 19.18 -16.05 -10.71
CA LYS B 114 18.78 -15.10 -11.72
C LYS B 114 18.30 -13.77 -11.13
N LEU B 115 18.01 -13.71 -9.84
CA LEU B 115 17.35 -12.56 -9.23
C LEU B 115 18.19 -11.84 -8.19
N LEU B 116 19.49 -12.11 -8.09
CA LEU B 116 20.28 -11.35 -7.13
C LEU B 116 20.22 -9.84 -7.35
N PRO B 117 20.04 -9.31 -8.58
CA PRO B 117 19.79 -7.86 -8.71
C PRO B 117 18.72 -7.33 -7.76
N TRP B 118 17.62 -8.06 -7.62
CA TRP B 118 16.57 -7.69 -6.67
C TRP B 118 17.08 -7.76 -5.25
N PHE B 119 17.87 -8.79 -4.94
CA PHE B 119 18.47 -8.91 -3.63
C PHE B 119 19.47 -7.78 -3.39
N ASP B 120 20.26 -7.46 -4.40
CA ASP B 120 21.25 -6.40 -4.28
C ASP B 120 20.58 -5.06 -4.03
N GLY B 121 19.51 -4.76 -4.75
CA GLY B 121 18.84 -3.49 -4.54
C GLY B 121 18.19 -3.42 -3.17
N MET B 122 17.63 -4.54 -2.72
CA MET B 122 17.02 -4.57 -1.39
C MET B 122 18.06 -4.52 -0.27
N LEU B 123 19.17 -5.26 -0.43
CA LEU B 123 20.22 -5.21 0.58
C LEU B 123 20.98 -3.88 0.51
N LYS B 124 21.01 -3.23 -0.65
CA LYS B 124 21.61 -1.91 -0.77
C LYS B 124 20.82 -0.91 0.06
N ALA B 125 19.49 -1.01 0.01
CA ALA B 125 18.64 -0.06 0.71
C ALA B 125 18.61 -0.35 2.20
N ASP B 126 18.80 -1.62 2.57
CA ASP B 126 18.82 -1.95 4.00
C ASP B 126 19.95 -1.22 4.67
N GLU B 127 21.17 -1.37 4.13
CA GLU B 127 22.35 -0.78 4.73
C GLU B 127 22.17 0.72 4.86
N GLU B 128 21.96 1.41 3.73
CA GLU B 128 21.67 2.84 3.72
C GLU B 128 20.67 3.20 4.81
N PHE B 129 19.54 2.50 4.86
CA PHE B 129 18.56 2.74 5.90
C PHE B 129 19.14 2.46 7.28
N PHE B 130 19.87 1.35 7.41
CA PHE B 130 20.46 0.99 8.69
C PHE B 130 21.36 2.10 9.22
N ALA B 131 22.13 2.72 8.32
CA ALA B 131 22.98 3.83 8.71
C ALA B 131 22.19 5.07 9.04
N LYS B 132 20.94 5.19 8.58
CA LYS B 132 20.16 6.34 9.02
C LYS B 132 19.53 6.09 10.39
N THR B 133 18.97 4.90 10.60
CA THR B 133 17.94 4.64 11.60
C THR B 133 18.34 3.65 12.67
N GLY B 134 19.32 2.80 12.42
CA GLY B 134 19.69 1.77 13.35
C GLY B 134 19.03 0.43 13.10
N THR B 135 18.07 0.35 12.18
CA THR B 135 17.54 -0.93 11.74
C THR B 135 17.55 -1.00 10.22
N PRO B 136 17.65 -2.20 9.66
CA PRO B 136 17.41 -2.36 8.22
C PRO B 136 15.93 -2.16 7.91
N LEU B 137 15.63 -2.07 6.62
CA LEU B 137 14.24 -1.98 6.18
C LEU B 137 13.50 -3.27 6.48
N PHE B 138 13.93 -4.37 5.88
CA PHE B 138 13.29 -5.65 6.07
C PHE B 138 13.85 -6.37 7.29
N SER B 139 13.00 -7.19 7.93
CA SER B 139 13.45 -8.02 9.05
C SER B 139 14.38 -9.11 8.56
N SER B 140 14.07 -9.67 7.39
CA SER B 140 14.59 -10.94 6.96
C SER B 140 14.62 -10.94 5.44
N HIS B 141 15.54 -11.74 4.87
CA HIS B 141 15.59 -11.98 3.43
C HIS B 141 15.80 -13.47 3.21
N MET B 142 15.36 -13.98 2.06
CA MET B 142 15.77 -15.33 1.73
C MET B 142 16.52 -15.40 0.43
N LEU B 143 17.56 -16.23 0.42
CA LEU B 143 18.19 -16.72 -0.79
C LEU B 143 17.82 -18.18 -0.96
N ASP B 144 17.26 -18.51 -2.13
CA ASP B 144 16.96 -19.90 -2.50
C ASP B 144 17.81 -20.23 -3.73
N LEU B 145 19.00 -20.78 -3.49
CA LEU B 145 19.95 -21.03 -4.56
C LEU B 145 20.20 -22.53 -4.73
N SER B 146 19.15 -23.33 -4.50
CA SER B 146 19.32 -24.77 -4.49
C SER B 146 19.66 -25.32 -5.87
N GLU B 147 19.28 -24.63 -6.94
CA GLU B 147 19.63 -25.10 -8.29
C GLU B 147 21.13 -25.08 -8.53
N GLU B 148 21.86 -24.24 -7.81
CA GLU B 148 23.30 -24.21 -7.89
C GLU B 148 23.88 -25.26 -6.96
N THR B 149 25.06 -25.76 -7.34
CA THR B 149 25.78 -26.73 -6.52
C THR B 149 25.84 -26.26 -5.08
N ASP B 150 25.59 -27.19 -4.15
CA ASP B 150 25.70 -26.87 -2.74
C ASP B 150 27.09 -26.39 -2.36
N ASP B 151 28.12 -26.74 -3.13
CA ASP B 151 29.42 -26.09 -2.99
C ASP B 151 29.26 -24.57 -3.11
N GLU B 152 28.54 -24.12 -4.15
CA GLU B 152 28.37 -22.71 -4.46
C GLU B 152 27.32 -22.04 -3.57
N ASN B 153 26.22 -22.74 -3.31
CA ASN B 153 25.16 -22.24 -2.43
C ASN B 153 25.71 -21.69 -1.11
N ILE B 154 26.33 -22.56 -0.31
CA ILE B 154 26.80 -22.14 1.01
C ILE B 154 27.70 -20.92 0.89
N ALA B 155 28.52 -20.85 -0.17
CA ALA B 155 29.45 -19.74 -0.35
C ALA B 155 28.73 -18.41 -0.60
N THR B 156 27.72 -18.41 -1.49
CA THR B 156 27.05 -17.15 -1.81
C THR B 156 26.24 -16.62 -0.63
N CYS B 157 25.62 -17.51 0.16
CA CYS B 157 24.94 -17.06 1.37
C CYS B 157 25.93 -16.54 2.41
N ALA B 158 27.05 -17.24 2.61
CA ALA B 158 28.05 -16.75 3.55
C ALA B 158 28.55 -15.35 3.17
N LYS B 159 28.68 -15.06 1.87
CA LYS B 159 29.05 -13.70 1.46
C LYS B 159 27.98 -12.70 1.89
N TYR B 160 26.73 -12.93 1.49
CA TYR B 160 25.67 -12.00 1.85
C TYR B 160 25.46 -11.93 3.35
N PHE B 161 25.52 -13.10 4.02
CA PHE B 161 25.25 -13.15 5.45
C PHE B 161 26.29 -12.35 6.24
N GLU B 162 27.53 -12.30 5.78
CA GLU B 162 28.50 -11.43 6.44
C GLU B 162 28.10 -9.98 6.27
N ARG B 163 27.43 -9.65 5.18
CA ARG B 163 27.06 -8.28 4.88
C ARG B 163 25.81 -7.88 5.65
N MET B 164 24.93 -8.84 5.91
CA MET B 164 23.71 -8.57 6.68
C MET B 164 23.92 -8.69 8.19
N ALA B 165 24.92 -9.47 8.63
CA ALA B 165 25.07 -9.76 10.06
C ALA B 165 25.48 -8.51 10.83
N LYS B 166 26.19 -7.60 10.16
CA LYS B 166 26.49 -6.31 10.75
C LYS B 166 25.21 -5.54 11.05
N MET B 167 24.16 -5.72 10.25
CA MET B 167 22.86 -5.16 10.61
C MET B 167 22.01 -6.10 11.46
N GLY B 168 22.46 -7.32 11.72
CA GLY B 168 21.63 -8.26 12.45
C GLY B 168 20.41 -8.72 11.69
N GLN B 169 20.43 -8.62 10.36
CA GLN B 169 19.31 -9.07 9.58
C GLN B 169 19.26 -10.60 9.51
N TRP B 170 18.04 -11.12 9.42
CA TRP B 170 17.84 -12.57 9.31
C TRP B 170 17.92 -12.98 7.84
N LEU B 171 18.73 -14.01 7.58
CA LEU B 171 18.78 -14.64 6.26
C LEU B 171 18.34 -16.10 6.35
N GLU B 172 17.38 -16.48 5.51
CA GLU B 172 16.95 -17.86 5.42
C GLU B 172 17.39 -18.41 4.05
N MET B 173 17.86 -19.65 4.03
CA MET B 173 18.39 -20.23 2.80
C MET B 173 17.72 -21.57 2.51
N GLU B 174 17.47 -21.81 1.22
CA GLU B 174 16.90 -23.05 0.70
C GLU B 174 18.00 -23.91 0.09
N ILE B 175 18.12 -25.13 0.56
CA ILE B 175 19.06 -26.10 0.02
C ILE B 175 18.25 -27.25 -0.57
N GLY B 176 18.70 -27.75 -1.71
CA GLY B 176 17.99 -28.77 -2.46
C GLY B 176 18.64 -30.14 -2.41
N ILE B 177 18.96 -30.71 -3.56
CA ILE B 177 19.49 -32.06 -3.59
C ILE B 177 20.69 -32.22 -4.54
N THR B 178 21.38 -31.11 -4.82
CA THR B 178 22.52 -31.16 -5.75
C THR B 178 23.85 -31.46 -5.05
N GLY B 179 24.84 -30.56 -5.11
CA GLY B 179 26.08 -30.79 -4.38
C GLY B 179 27.38 -30.62 -5.14
N GLY B 180 27.39 -30.90 -6.44
CA GLY B 180 28.61 -30.82 -7.22
C GLY B 180 28.42 -31.26 -8.66
N LEU B 195 14.80 -38.87 -3.44
CA LEU B 195 15.96 -38.18 -2.88
C LEU B 195 15.60 -36.85 -2.20
N TYR B 196 15.82 -36.82 -0.89
CA TYR B 196 15.76 -35.60 -0.08
C TYR B 196 17.17 -35.16 0.28
N THR B 197 17.27 -34.00 0.92
CA THR B 197 18.56 -33.49 1.35
C THR B 197 19.02 -34.12 2.64
N SER B 198 20.33 -34.30 2.74
CA SER B 198 20.93 -34.99 3.86
C SER B 198 20.91 -34.13 5.12
N PRO B 199 20.89 -34.77 6.30
CA PRO B 199 21.25 -34.04 7.52
C PRO B 199 22.67 -33.52 7.48
N GLU B 200 23.49 -34.12 6.62
CA GLU B 200 24.90 -33.80 6.46
C GLU B 200 25.10 -32.49 5.71
N THR B 201 24.52 -32.36 4.50
CA THR B 201 24.62 -31.05 3.84
C THR B 201 23.83 -29.98 4.58
N VAL B 202 22.77 -30.36 5.29
CA VAL B 202 22.05 -29.35 6.06
C VAL B 202 22.91 -28.88 7.21
N PHE B 203 23.70 -29.78 7.78
CA PHE B 203 24.61 -29.32 8.82
C PHE B 203 25.70 -28.44 8.25
N ALA B 204 26.15 -28.74 7.03
CA ALA B 204 27.14 -27.92 6.34
C ALA B 204 26.74 -26.45 6.39
N VAL B 205 25.50 -26.14 6.00
CA VAL B 205 25.01 -24.77 6.08
C VAL B 205 25.33 -24.17 7.44
N TYR B 206 24.74 -24.75 8.49
CA TYR B 206 24.92 -24.26 9.86
C TYR B 206 26.39 -24.04 10.20
N GLU B 207 27.26 -24.95 9.75
CA GLU B 207 28.65 -24.89 10.16
C GLU B 207 29.35 -23.68 9.57
N SER B 208 28.87 -23.19 8.44
CA SER B 208 29.43 -21.99 7.84
C SER B 208 28.74 -20.73 8.34
N LEU B 209 27.43 -20.69 8.25
CA LEU B 209 26.72 -19.47 8.61
C LEU B 209 26.94 -19.13 10.07
N HIS B 210 27.00 -20.14 10.96
CA HIS B 210 27.07 -19.80 12.38
C HIS B 210 28.36 -19.07 12.75
N LYS B 211 29.41 -19.22 11.95
CA LYS B 211 30.54 -18.31 12.11
C LYS B 211 30.07 -16.86 12.05
N ILE B 212 29.28 -16.53 11.03
CA ILE B 212 28.93 -15.13 10.79
C ILE B 212 28.00 -14.65 11.89
N SER B 213 26.90 -15.35 12.12
CA SER B 213 25.87 -14.88 13.05
C SER B 213 24.86 -16.01 13.25
N PRO B 214 24.10 -15.98 14.35
CA PRO B 214 23.10 -17.03 14.57
C PRO B 214 21.82 -16.87 13.77
N ASN B 215 21.64 -15.78 13.02
CA ASN B 215 20.32 -15.39 12.51
C ASN B 215 20.08 -15.97 11.12
N PHE B 216 19.89 -17.30 11.08
CA PHE B 216 19.55 -17.97 9.84
C PHE B 216 18.65 -19.16 10.11
N SER B 217 17.75 -19.42 9.15
CA SER B 217 16.94 -20.63 9.14
C SER B 217 17.20 -21.39 7.85
N ILE B 218 16.87 -22.67 7.87
CA ILE B 218 17.18 -23.56 6.75
C ILE B 218 15.87 -24.12 6.18
N ALA B 219 15.75 -24.06 4.85
CA ALA B 219 14.63 -24.64 4.11
C ALA B 219 15.16 -25.83 3.33
N ALA B 220 14.89 -27.03 3.83
CA ALA B 220 15.43 -28.22 3.22
C ALA B 220 14.40 -28.85 2.28
N ALA B 221 14.87 -29.75 1.44
CA ALA B 221 14.00 -30.54 0.57
C ALA B 221 13.58 -31.81 1.33
N PHE B 222 12.29 -31.94 1.60
CA PHE B 222 11.79 -33.17 2.19
C PHE B 222 10.41 -33.49 1.60
N GLY B 223 10.33 -33.53 0.26
CA GLY B 223 9.09 -33.85 -0.41
C GLY B 223 8.03 -32.76 -0.33
N ASN B 224 8.41 -31.55 0.08
CA ASN B 224 7.52 -30.40 -0.01
C ASN B 224 7.64 -29.76 -1.39
N VAL B 225 7.27 -30.54 -2.41
CA VAL B 225 7.57 -30.12 -3.78
C VAL B 225 6.90 -28.79 -4.09
N HIS B 226 7.67 -27.89 -4.71
CA HIS B 226 7.16 -26.57 -5.11
C HIS B 226 8.12 -25.81 -6.04
N VAL B 234 8.29 -40.37 -3.25
CA VAL B 234 8.58 -39.09 -3.88
C VAL B 234 8.01 -37.97 -3.01
N GLN B 235 7.38 -38.35 -1.88
CA GLN B 235 6.44 -37.52 -1.13
C GLN B 235 7.04 -36.96 0.16
N LEU B 236 6.17 -36.42 1.01
CA LEU B 236 6.56 -35.51 2.09
C LEU B 236 7.05 -36.26 3.33
N ARG B 237 8.24 -35.91 3.82
CA ARG B 237 8.86 -36.62 4.95
C ARG B 237 9.27 -35.67 6.05
N PRO B 238 8.30 -35.07 6.75
CA PRO B 238 8.65 -34.09 7.80
C PRO B 238 9.56 -34.66 8.89
N GLU B 239 9.72 -35.98 8.95
CA GLU B 239 10.57 -36.59 9.96
C GLU B 239 12.05 -36.40 9.65
N ILE B 240 12.39 -36.20 8.38
CA ILE B 240 13.76 -35.86 8.03
C ILE B 240 14.23 -34.63 8.79
N LEU B 241 13.30 -33.78 9.24
CA LEU B 241 13.69 -32.52 9.85
C LEU B 241 14.18 -32.72 11.28
N GLY B 242 13.59 -33.69 11.99
CA GLY B 242 14.19 -34.15 13.22
C GLY B 242 15.53 -34.80 12.98
N ASP B 243 15.67 -35.51 11.86
CA ASP B 243 16.98 -36.04 11.50
C ASP B 243 18.03 -34.94 11.44
N HIS B 244 17.65 -33.77 10.92
CA HIS B 244 18.60 -32.66 10.89
C HIS B 244 18.96 -32.22 12.30
N GLN B 245 17.95 -31.99 13.14
CA GLN B 245 18.20 -31.59 14.52
C GLN B 245 18.98 -32.64 15.28
N VAL B 246 18.74 -33.92 15.01
CA VAL B 246 19.52 -34.95 15.69
C VAL B 246 20.95 -34.96 15.17
N TYR B 247 21.12 -34.77 13.86
CA TYR B 247 22.47 -34.74 13.31
C TYR B 247 23.22 -33.52 13.80
N ALA B 248 22.56 -32.35 13.74
CA ALA B 248 23.19 -31.11 14.17
C ALA B 248 23.68 -31.24 15.60
N LYS B 249 22.79 -31.60 16.52
CA LYS B 249 23.14 -31.62 17.93
C LYS B 249 24.38 -32.49 18.21
N LYS B 250 24.50 -33.63 17.51
CA LYS B 250 25.64 -34.53 17.74
C LYS B 250 26.94 -33.89 17.30
N GLN B 251 26.98 -33.40 16.05
CA GLN B 251 28.20 -32.84 15.50
C GLN B 251 28.64 -31.58 16.23
N ILE B 252 27.70 -30.82 16.77
CA ILE B 252 28.10 -29.75 17.67
C ILE B 252 28.18 -30.20 19.12
N GLY B 253 27.35 -31.14 19.56
CA GLY B 253 27.41 -31.59 20.95
C GLY B 253 26.61 -30.74 21.92
N THR B 254 25.52 -30.11 21.45
CA THR B 254 24.68 -29.29 22.30
C THR B 254 23.67 -30.14 23.05
N ASP B 255 22.95 -29.50 23.97
CA ASP B 255 21.83 -30.12 24.68
C ASP B 255 20.49 -29.81 24.00
N ALA B 256 20.26 -28.54 23.66
CA ALA B 256 18.98 -28.11 23.11
C ALA B 256 18.60 -28.96 21.92
N LYS B 257 17.37 -29.48 21.94
CA LYS B 257 16.90 -30.40 20.92
C LYS B 257 16.81 -29.75 19.55
N HIS B 258 16.76 -28.41 19.48
CA HIS B 258 16.49 -27.67 18.26
C HIS B 258 17.66 -26.75 17.90
N PRO B 259 18.80 -27.30 17.44
CA PRO B 259 19.93 -26.45 17.07
C PRO B 259 19.81 -25.80 15.70
N LEU B 260 18.66 -25.94 15.03
CA LEU B 260 18.46 -25.41 13.69
C LEU B 260 17.08 -24.78 13.58
N TYR B 261 17.04 -23.63 12.93
CA TYR B 261 15.79 -22.96 12.60
C TYR B 261 15.33 -23.48 11.25
N LEU B 262 14.21 -24.17 11.22
CA LEU B 262 13.73 -24.82 10.00
C LEU B 262 12.45 -24.13 9.52
N VAL B 263 12.33 -23.98 8.20
CA VAL B 263 11.15 -23.35 7.61
C VAL B 263 10.54 -24.26 6.56
N PHE B 264 9.22 -24.20 6.46
CA PHE B 264 8.42 -25.19 5.72
C PHE B 264 7.77 -24.50 4.51
N HIS B 265 8.40 -24.62 3.34
CA HIS B 265 7.78 -24.12 2.12
C HIS B 265 6.79 -25.13 1.55
N GLY B 266 5.76 -24.60 0.91
CA GLY B 266 4.84 -25.41 0.12
C GLY B 266 4.05 -26.38 0.95
N GLY B 267 4.04 -26.20 2.27
CA GLY B 267 3.23 -27.05 3.11
C GLY B 267 1.77 -26.84 2.80
N SER B 268 1.20 -27.66 1.91
CA SER B 268 -0.14 -27.42 1.39
C SER B 268 -0.99 -28.67 1.55
N GLY B 269 -2.15 -28.52 2.20
CA GLY B 269 -3.09 -29.61 2.36
C GLY B 269 -2.47 -30.73 3.16
N SER B 270 -1.32 -30.43 3.74
CA SER B 270 -0.66 -31.33 4.68
C SER B 270 -1.56 -31.51 5.89
N THR B 271 -1.63 -32.76 6.35
CA THR B 271 -2.43 -33.07 7.52
C THR B 271 -1.90 -32.32 8.75
N GLN B 272 -2.76 -32.25 9.77
CA GLN B 272 -2.31 -31.66 11.03
C GLN B 272 -1.30 -32.57 11.72
N GLU B 273 -1.34 -33.87 11.43
CA GLU B 273 -0.23 -34.72 11.84
C GLU B 273 1.07 -34.27 11.15
N GLU B 274 1.00 -34.00 9.84
CA GLU B 274 2.21 -33.69 9.11
C GLU B 274 2.83 -32.37 9.57
N PHE B 275 2.02 -31.31 9.67
CA PHE B 275 2.51 -30.02 10.19
C PHE B 275 3.09 -30.17 11.58
N ASN B 276 2.45 -30.98 12.43
CA ASN B 276 2.87 -31.11 13.82
C ASN B 276 4.25 -31.74 13.95
N THR B 277 4.52 -32.79 13.19
CA THR B 277 5.84 -33.41 13.32
C THR B 277 6.92 -32.48 12.81
N ALA B 278 6.59 -31.58 11.87
CA ALA B 278 7.57 -30.58 11.43
C ALA B 278 7.78 -29.50 12.48
N ILE B 279 6.70 -29.02 13.11
CA ILE B 279 6.87 -28.06 14.20
C ILE B 279 7.61 -28.71 15.37
N LYS B 280 7.32 -29.98 15.63
CA LYS B 280 8.00 -30.69 16.71
C LYS B 280 9.51 -30.72 16.49
N ASN B 281 9.95 -30.77 15.23
CA ASN B 281 11.35 -30.79 14.88
C ASN B 281 11.94 -29.39 14.72
N GLY B 282 11.18 -28.35 15.05
CA GLY B 282 11.74 -27.03 15.11
C GLY B 282 11.43 -26.14 13.94
N VAL B 283 10.44 -26.48 13.12
CA VAL B 283 9.96 -25.53 12.11
C VAL B 283 9.34 -24.34 12.83
N VAL B 284 9.82 -23.14 12.51
CA VAL B 284 9.29 -21.93 13.14
C VAL B 284 8.33 -21.20 12.21
N LYS B 285 8.49 -21.34 10.89
CA LYS B 285 7.79 -20.52 9.93
C LYS B 285 7.30 -21.42 8.82
N VAL B 286 6.02 -21.34 8.50
CA VAL B 286 5.38 -22.20 7.51
C VAL B 286 4.75 -21.29 6.48
N ASN B 287 5.27 -21.31 5.25
CA ASN B 287 4.86 -20.36 4.21
C ASN B 287 3.46 -20.68 3.69
N LEU B 288 2.57 -19.70 3.71
CA LEU B 288 1.27 -19.82 3.08
C LEU B 288 1.34 -19.17 1.69
N ASP B 289 0.32 -18.40 1.26
CA ASP B 289 0.15 -17.77 -0.06
C ASP B 289 -1.05 -18.33 -0.85
N THR B 290 -0.86 -19.33 -1.69
CA THR B 290 -1.92 -19.53 -2.69
C THR B 290 -3.32 -19.88 -2.15
N ASP B 291 -3.50 -20.32 -0.89
CA ASP B 291 -4.88 -20.32 -0.41
C ASP B 291 -5.31 -19.05 0.25
N CYS B 292 -4.38 -18.25 0.78
CA CYS B 292 -4.70 -16.84 1.01
C CYS B 292 -5.16 -16.18 -0.28
N GLN B 293 -4.45 -16.45 -1.39
CA GLN B 293 -4.87 -16.01 -2.72
C GLN B 293 -6.30 -16.41 -2.99
N TYR B 294 -6.60 -17.71 -2.93
CA TYR B 294 -7.97 -18.12 -3.19
C TYR B 294 -8.94 -17.53 -2.18
N ALA B 295 -8.57 -17.53 -0.90
CA ALA B 295 -9.45 -16.99 0.13
C ALA B 295 -9.72 -15.50 -0.05
N TYR B 296 -8.67 -14.71 -0.32
CA TYR B 296 -8.84 -13.29 -0.61
C TYR B 296 -9.86 -13.07 -1.72
N LEU B 297 -9.80 -13.91 -2.76
CA LEU B 297 -10.73 -13.76 -3.87
C LEU B 297 -12.17 -14.00 -3.41
N THR B 298 -12.48 -15.22 -2.98
CA THR B 298 -13.85 -15.65 -2.75
C THR B 298 -14.75 -14.55 -2.20
N GLY B 299 -14.27 -13.80 -1.20
CA GLY B 299 -15.09 -12.74 -0.63
C GLY B 299 -15.51 -11.75 -1.68
N ILE B 300 -14.54 -11.29 -2.47
CA ILE B 300 -14.83 -10.38 -3.57
C ILE B 300 -15.65 -11.10 -4.65
N ARG B 301 -15.32 -12.37 -4.93
CA ARG B 301 -16.15 -13.10 -5.87
C ARG B 301 -17.59 -13.17 -5.38
N ASP B 302 -17.79 -13.33 -4.08
CA ASP B 302 -19.15 -13.37 -3.54
C ASP B 302 -19.81 -12.00 -3.48
N TYR B 303 -19.25 -11.05 -4.23
CA TYR B 303 -19.95 -9.87 -4.70
C TYR B 303 -20.45 -9.98 -6.13
N VAL B 304 -20.25 -11.14 -6.78
CA VAL B 304 -21.05 -11.47 -7.96
C VAL B 304 -22.51 -11.56 -7.59
N THR B 305 -22.82 -11.96 -6.35
CA THR B 305 -24.20 -11.97 -5.90
C THR B 305 -24.83 -10.58 -5.97
N ASN B 306 -24.02 -9.52 -6.04
CA ASN B 306 -24.52 -8.16 -6.09
C ASN B 306 -24.35 -7.51 -7.47
N LYS B 307 -24.37 -8.32 -8.54
CA LYS B 307 -24.13 -7.77 -9.87
C LYS B 307 -25.29 -6.94 -10.38
N ILE B 308 -26.51 -7.23 -9.90
CA ILE B 308 -27.65 -6.45 -10.36
C ILE B 308 -27.60 -5.04 -9.78
N GLU B 309 -26.77 -4.83 -8.76
CA GLU B 309 -26.44 -3.48 -8.31
C GLU B 309 -24.97 -3.19 -8.58
N TYR B 310 -24.48 -3.43 -9.80
CA TYR B 310 -23.08 -3.19 -10.13
C TYR B 310 -22.91 -2.75 -11.58
N LEU B 311 -23.83 -1.91 -12.09
CA LEU B 311 -23.58 -1.10 -13.27
C LEU B 311 -23.96 0.36 -13.02
N LYS B 312 -23.09 1.28 -13.47
CA LYS B 312 -23.02 2.69 -13.08
C LYS B 312 -24.28 3.34 -12.47
N ALA B 313 -25.45 3.24 -13.13
CA ALA B 313 -26.69 3.86 -12.64
C ALA B 313 -27.91 2.93 -12.57
N PRO B 314 -28.08 1.95 -13.47
CA PRO B 314 -29.23 1.04 -13.33
C PRO B 314 -29.06 0.07 -12.16
N VAL B 315 -30.12 -0.05 -11.37
CA VAL B 315 -30.13 -0.87 -10.17
C VAL B 315 -31.38 -1.75 -10.18
N GLY B 316 -31.20 -3.04 -9.91
CA GLY B 316 -32.33 -3.96 -9.97
C GLY B 316 -33.32 -3.80 -8.82
N ASN B 317 -32.86 -3.29 -7.66
CA ASN B 317 -33.66 -3.29 -6.43
C ASN B 317 -34.65 -2.10 -6.43
N PRO B 318 -34.25 -0.83 -6.19
CA PRO B 318 -35.27 0.22 -6.17
C PRO B 318 -35.48 0.87 -7.54
N GLU B 319 -36.03 2.08 -7.54
CA GLU B 319 -36.48 2.80 -8.73
C GLU B 319 -35.52 2.62 -9.91
N GLY B 320 -36.09 2.24 -11.06
CA GLY B 320 -35.27 1.79 -12.17
C GLY B 320 -34.38 2.89 -12.71
N ALA B 321 -33.18 2.49 -13.13
CA ALA B 321 -32.30 3.34 -13.93
C ALA B 321 -32.03 4.71 -13.29
N ASP B 322 -32.52 4.92 -12.05
CA ASP B 322 -32.37 6.22 -11.40
C ASP B 322 -31.98 6.08 -9.93
N LYS B 323 -31.37 4.93 -9.50
CA LYS B 323 -30.78 4.96 -8.17
C LYS B 323 -29.27 4.80 -8.26
N PRO B 324 -28.55 5.36 -7.34
CA PRO B 324 -27.10 5.36 -7.44
C PRO B 324 -26.55 4.06 -6.93
N ASN B 325 -25.72 3.42 -7.73
CA ASN B 325 -25.08 2.22 -7.27
C ASN B 325 -23.82 2.49 -6.51
N LYS B 326 -23.64 3.71 -5.99
CA LYS B 326 -22.37 4.12 -5.40
C LYS B 326 -21.96 3.29 -4.21
N LYS B 327 -22.82 3.22 -3.19
CA LYS B 327 -22.63 2.40 -2.00
C LYS B 327 -22.05 1.06 -2.41
N TYR B 328 -22.69 0.39 -3.38
CA TYR B 328 -22.38 -0.99 -3.68
C TYR B 328 -21.06 -1.16 -4.41
N PHE B 329 -20.63 -0.15 -5.19
CA PHE B 329 -19.39 -0.27 -5.95
C PHE B 329 -18.23 0.52 -5.36
N ASP B 330 -18.41 1.18 -4.23
CA ASP B 330 -17.31 1.71 -3.46
C ASP B 330 -16.34 0.57 -3.17
N PRO B 331 -15.12 0.57 -3.72
CA PRO B 331 -14.20 -0.55 -3.45
C PRO B 331 -13.96 -0.76 -1.98
N ARG B 332 -14.30 0.22 -1.14
CA ARG B 332 -14.09 0.08 0.28
C ARG B 332 -15.07 -0.90 0.93
N VAL B 333 -16.21 -1.18 0.30
CA VAL B 333 -17.09 -2.23 0.80
C VAL B 333 -16.77 -3.58 0.17
N TRP B 334 -16.39 -3.63 -1.09
CA TRP B 334 -16.19 -4.98 -1.63
C TRP B 334 -14.75 -5.46 -1.50
N VAL B 335 -13.74 -4.61 -1.63
CA VAL B 335 -12.40 -5.12 -1.36
C VAL B 335 -12.29 -5.53 0.10
N ARG B 336 -12.93 -4.79 1.00
CA ARG B 336 -12.96 -5.19 2.40
C ARG B 336 -13.43 -6.63 2.53
N GLU B 337 -14.48 -6.98 1.78
CA GLU B 337 -15.03 -8.34 1.80
C GLU B 337 -13.96 -9.38 1.44
N GLY B 338 -13.09 -9.03 0.48
CA GLY B 338 -11.97 -9.92 0.18
C GLY B 338 -10.99 -10.01 1.33
N GLU B 339 -10.56 -8.86 1.87
CA GLU B 339 -9.74 -8.83 3.08
C GLU B 339 -10.34 -9.71 4.17
N LYS B 340 -11.66 -9.63 4.32
CA LYS B 340 -12.31 -10.40 5.37
C LYS B 340 -12.14 -11.90 5.16
N THR B 341 -12.55 -12.42 4.00
CA THR B 341 -12.42 -13.87 3.79
C THR B 341 -10.95 -14.29 3.71
N MET B 342 -10.04 -13.39 3.33
CA MET B 342 -8.62 -13.75 3.41
C MET B 342 -8.18 -13.90 4.87
N SER B 343 -8.51 -12.92 5.72
CA SER B 343 -8.09 -12.98 7.13
C SER B 343 -8.59 -14.24 7.84
N LYS B 344 -9.88 -14.58 7.67
CA LYS B 344 -10.38 -15.79 8.33
C LYS B 344 -9.70 -17.06 7.82
N ARG B 345 -9.17 -17.04 6.60
CA ARG B 345 -8.32 -18.15 6.16
C ARG B 345 -7.01 -18.16 6.95
N ILE B 346 -6.49 -16.98 7.29
CA ILE B 346 -5.28 -16.92 8.10
C ILE B 346 -5.56 -17.37 9.52
N ALA B 347 -6.72 -16.99 10.05
CA ALA B 347 -7.09 -17.45 11.38
C ALA B 347 -7.04 -18.98 11.46
N GLU B 348 -7.62 -19.66 10.47
CA GLU B 348 -7.60 -21.13 10.48
C GLU B 348 -6.16 -21.63 10.53
N ALA B 349 -5.28 -21.02 9.72
CA ALA B 349 -3.88 -21.40 9.74
C ALA B 349 -3.27 -21.12 11.10
N LEU B 350 -3.59 -19.98 11.70
CA LEU B 350 -3.02 -19.68 13.00
C LEU B 350 -3.40 -20.73 14.03
N ASP B 351 -4.62 -21.29 13.93
CA ASP B 351 -5.00 -22.42 14.75
C ASP B 351 -4.13 -23.65 14.45
N ILE B 352 -4.11 -24.10 13.19
CA ILE B 352 -3.43 -25.34 12.83
C ILE B 352 -2.02 -25.35 13.40
N PHE B 353 -1.25 -24.28 13.13
CA PHE B 353 0.15 -24.16 13.54
C PHE B 353 0.30 -23.81 15.02
N HIS B 354 -0.79 -23.56 15.74
CA HIS B 354 -0.80 -23.29 17.17
C HIS B 354 -0.18 -21.93 17.53
N THR B 355 0.08 -21.08 16.55
CA THR B 355 0.55 -19.73 16.81
C THR B 355 -0.53 -18.85 17.42
N LYS B 356 -1.80 -19.21 17.24
CA LYS B 356 -2.90 -18.37 17.71
C LYS B 356 -2.82 -18.23 19.22
N GLY B 357 -3.05 -17.00 19.70
CA GLY B 357 -3.14 -16.77 21.14
C GLY B 357 -1.85 -16.98 21.90
N GLN B 358 -0.71 -16.83 21.23
CA GLN B 358 0.59 -17.05 21.85
C GLN B 358 1.23 -15.76 22.32
N LEU B 359 0.57 -14.63 22.15
CA LEU B 359 1.16 -13.35 22.54
C LEU B 359 0.80 -13.05 23.96
#